data_6EC8
#
_entry.id   6EC8
#
_cell.length_a   44.503
_cell.length_b   96.098
_cell.length_c   107.128
_cell.angle_alpha   90.00
_cell.angle_beta   98.84
_cell.angle_gamma   90.00
#
_symmetry.space_group_name_H-M   'P 1 21 1'
#
loop_
_entity.id
_entity.type
_entity.pdbx_description
1 polymer 'Lantibiotic dehydratase domain protein'
2 non-polymer "3'-deoxy-3'-[(L-alpha-glutamyl)amino]adenosine 5'-(dihydrogen phosphate)"
3 water water
#
_entity_poly.entity_id   1
_entity_poly.type   'polypeptide(L)'
_entity_poly.pdbx_seq_one_letter_code
;SGSMRLVERRFPVAMTSTAPKVAVRECGLPVSAIESLCCTDSFALIRRQVRETAWLKGEGKRLAVDLGLLIGERGDGDDG
LRPVLVGLRRALHTGRLPDAREWTPRVASALPAELAARVADWVTRMRALTRARRELPELFAAEARVKEKVLAQVAADPGF
RRALSLASPELAADLDRWLAEPARRPKTQKLLRLAKYVARAAVKTSPYSTFTSMGVAVWENGEDWADGAIVRFAPREPPS
VILEPSGEWLHGALRAWLARPENLVRSRLRLNPSLVIRADKAEFLGFPPREPIIRMGLTPVVATVLRLAEPAADADGWID
PMGFRDRLARDLPAEPEQVDRLLRSLIEAGVLEAHPLTRAGLPETGEWAEIRAALRHDPHGEDPEAYRVRLARLKRAMTM
MWPQGDTTALLHETAVVTRPVASLNPTAWGRGLSDLDVVRRWLSVFDGKLPIRIVVAEYLRARYGEHARVPFLTFHRHVQ
EEIAGDAPSGADLRTFVGRSAAIWAPPLAHSRLPRLRELAKLREAARELALGRPEHDGIQRVDPEELIKQMATWPEWIVV
PRSCACYVQPAPEGRLVLNVVHGGHGRGLRRLSHLIGRVRGEAVDHPMVADEPEGTVYAELSGSLGSTLNVHVPGTRYEI
DYPFSPGDRSRDRRLPLSDLEVVLAPETGLAELRSRRLGFRVIPLHLGMAAEFQLPPAARFLERAFGVTYLLHPSAPPLL
RIGEVPPPQEVTRYPRVEVGRVVVQRRRWLAPAGTLPIRAKGEDDASYLLRLVAWTDANGIPTRSFVRAWQERMVQAGQD
KARKPLFLDLANPFLVKVFERQIRDCAFVLFEEALPDPADAPPREGSDLPRVIEFLVELGE
;
_entity_poly.pdbx_strand_id   A
#
# COMPACT_ATOMS: atom_id res chain seq x y z
N PRO A 20 19.96 7.91 8.41
CA PRO A 20 18.51 7.57 8.14
C PRO A 20 18.30 7.70 6.65
N LYS A 21 18.11 6.57 5.98
CA LYS A 21 18.09 6.53 4.53
C LYS A 21 16.71 6.92 4.14
N VAL A 22 16.61 7.74 3.07
CA VAL A 22 15.33 8.30 2.64
C VAL A 22 15.08 8.25 1.13
N ALA A 23 13.89 7.78 0.74
CA ALA A 23 13.47 7.91 -0.65
C ALA A 23 12.22 8.77 -0.73
N VAL A 24 11.98 9.30 -1.92
CA VAL A 24 10.85 10.14 -2.21
C VAL A 24 10.05 9.61 -3.39
N ARG A 25 8.74 9.52 -3.21
CA ARG A 25 7.81 9.15 -4.26
C ARG A 25 7.04 10.42 -4.63
N GLU A 26 7.00 10.75 -5.90
CA GLU A 26 6.36 11.95 -6.39
C GLU A 26 5.27 11.71 -7.40
N CYS A 27 4.14 12.35 -7.23
CA CYS A 27 3.07 12.26 -8.18
C CYS A 27 3.53 12.82 -9.53
N GLY A 28 3.19 12.12 -10.63
CA GLY A 28 3.52 12.52 -11.97
C GLY A 28 2.77 13.71 -12.56
N LEU A 29 1.64 14.12 -11.98
CA LEU A 29 0.99 15.37 -12.38
C LEU A 29 1.16 16.35 -11.28
N PRO A 30 1.36 17.64 -11.64
CA PRO A 30 1.52 18.64 -10.57
C PRO A 30 0.17 18.94 -9.92
N VAL A 31 0.18 19.57 -8.76
CA VAL A 31 -1.07 19.91 -8.09
C VAL A 31 -2.01 20.81 -8.92
N SER A 32 -1.47 21.74 -9.70
CA SER A 32 -2.28 22.59 -10.62
C SER A 32 -3.18 21.77 -11.54
N ALA A 33 -2.80 20.54 -11.84
CA ALA A 33 -3.62 19.67 -12.65
C ALA A 33 -4.97 19.36 -12.07
N ILE A 34 -5.05 19.04 -10.79
CA ILE A 34 -6.40 18.88 -10.20
C ILE A 34 -7.00 20.22 -9.75
N GLU A 35 -6.16 21.22 -9.41
CA GLU A 35 -6.70 22.59 -9.01
C GLU A 35 -7.48 23.18 -10.15
N SER A 36 -6.96 23.06 -11.37
CA SER A 36 -7.59 23.62 -12.59
C SER A 36 -8.94 23.02 -13.02
N LEU A 37 -9.28 21.84 -12.49
CA LEU A 37 -10.57 21.22 -12.70
C LEU A 37 -11.67 21.76 -11.73
N CYS A 38 -11.29 22.52 -10.71
CA CYS A 38 -12.28 23.11 -9.79
C CYS A 38 -13.09 24.22 -10.44
N CYS A 39 -14.41 24.16 -10.26
CA CYS A 39 -15.32 25.20 -10.70
C CYS A 39 -15.34 26.31 -9.66
N THR A 40 -14.27 27.09 -9.65
CA THR A 40 -13.99 28.04 -8.58
C THR A 40 -15.09 29.09 -8.41
N ASP A 41 -15.61 29.63 -9.50
CA ASP A 41 -16.62 30.70 -9.39
C ASP A 41 -17.87 30.16 -8.81
N SER A 42 -18.45 29.12 -9.39
CA SER A 42 -19.74 28.68 -8.92
C SER A 42 -19.68 28.01 -7.53
N PHE A 43 -18.57 27.37 -7.18
CA PHE A 43 -18.44 26.76 -5.86
C PHE A 43 -18.40 27.84 -4.81
N ALA A 44 -17.64 28.91 -5.02
CA ALA A 44 -17.58 30.07 -4.08
C ALA A 44 -19.00 30.61 -3.86
N LEU A 45 -19.80 30.62 -4.92
CA LEU A 45 -21.22 30.96 -4.80
C LEU A 45 -22.02 29.89 -4.11
N ILE A 46 -21.78 28.61 -4.41
CA ILE A 46 -22.39 27.52 -3.60
C ILE A 46 -22.06 27.67 -2.11
N ARG A 47 -20.81 27.95 -1.80
CA ARG A 47 -20.42 28.15 -0.42
C ARG A 47 -21.08 29.37 0.27
N ARG A 48 -21.14 30.51 -0.41
CA ARG A 48 -21.80 31.72 0.08
C ARG A 48 -23.26 31.41 0.40
N GLN A 49 -23.94 30.77 -0.55
CA GLN A 49 -25.32 30.41 -0.41
C GLN A 49 -25.58 29.53 0.81
N VAL A 50 -24.77 28.49 0.96
CA VAL A 50 -24.91 27.52 2.05
C VAL A 50 -24.73 28.24 3.41
N ARG A 51 -23.74 29.11 3.51
CA ARG A 51 -23.49 29.82 4.73
C ARG A 51 -24.56 30.91 5.01
N GLU A 52 -25.05 31.56 3.95
CA GLU A 52 -26.11 32.54 4.06
C GLU A 52 -27.46 31.87 4.38
N THR A 53 -27.77 30.73 3.79
CA THR A 53 -28.96 30.00 4.20
C THR A 53 -28.88 29.64 5.70
N ALA A 54 -27.75 29.08 6.14
CA ALA A 54 -27.62 28.71 7.57
C ALA A 54 -27.69 29.94 8.48
N TRP A 55 -27.08 31.04 8.09
CA TRP A 55 -27.18 32.22 8.93
C TRP A 55 -28.59 32.80 8.97
N LEU A 56 -29.25 32.89 7.82
CA LEU A 56 -30.65 33.39 7.77
C LEU A 56 -31.62 32.56 8.62
N LYS A 57 -31.46 31.24 8.60
CA LYS A 57 -32.38 30.37 9.29
C LYS A 57 -32.14 30.54 10.79
N GLY A 58 -30.87 30.66 11.19
CA GLY A 58 -30.55 30.92 12.58
C GLY A 58 -31.12 32.24 13.07
N GLU A 59 -30.79 33.31 12.35
CA GLU A 59 -31.30 34.64 12.64
C GLU A 59 -32.83 34.76 12.64
N GLY A 60 -33.48 34.12 11.67
CA GLY A 60 -34.95 34.08 11.61
C GLY A 60 -35.56 33.61 12.92
N LYS A 61 -35.02 32.50 13.45
CA LYS A 61 -35.53 31.87 14.67
C LYS A 61 -35.29 32.73 15.90
N ARG A 62 -34.12 33.38 15.95
CA ARG A 62 -33.81 34.29 17.02
C ARG A 62 -34.74 35.52 16.95
N LEU A 63 -34.98 36.05 15.75
CA LEU A 63 -35.90 37.21 15.61
C LEU A 63 -37.37 36.85 15.97
N ALA A 64 -37.75 35.60 15.71
CA ALA A 64 -39.04 35.08 16.16
C ALA A 64 -39.15 35.06 17.66
N VAL A 65 -38.07 34.71 18.35
CA VAL A 65 -38.04 34.74 19.82
C VAL A 65 -38.27 36.21 20.31
N ASP A 66 -37.45 37.15 19.85
CA ASP A 66 -37.56 38.56 20.22
C ASP A 66 -38.90 39.20 19.90
N LEU A 67 -39.48 38.79 18.78
CA LEU A 67 -40.77 39.29 18.38
C LEU A 67 -41.87 38.75 19.31
N GLY A 68 -41.82 37.47 19.65
CA GLY A 68 -42.77 36.92 20.59
C GLY A 68 -42.73 37.62 21.95
N LEU A 69 -41.52 37.94 22.45
CA LEU A 69 -41.35 38.71 23.65
C LEU A 69 -42.07 40.07 23.55
N LEU A 70 -41.75 40.82 22.50
CA LEU A 70 -42.46 42.03 22.16
C LEU A 70 -43.97 41.83 22.18
N ILE A 71 -44.50 40.79 21.51
CA ILE A 71 -45.94 40.53 21.52
C ILE A 71 -46.50 40.55 22.97
N GLY A 72 -46.06 39.61 23.81
CA GLY A 72 -46.41 39.56 25.26
C GLY A 72 -46.02 40.76 26.14
N GLU A 73 -45.08 41.61 25.69
CA GLU A 73 -44.83 42.96 26.27
C GLU A 73 -45.96 43.96 26.00
N ARG A 74 -46.91 43.61 25.12
CA ARG A 74 -48.11 44.42 24.81
C ARG A 74 -49.34 43.73 25.41
N GLY A 75 -49.68 44.13 26.64
CA GLY A 75 -50.82 43.56 27.38
C GLY A 75 -50.66 43.68 28.89
N PRO A 83 -51.17 39.59 16.15
CA PRO A 83 -51.86 39.37 14.88
C PRO A 83 -51.17 40.26 13.86
N VAL A 84 -50.82 39.70 12.70
CA VAL A 84 -49.80 40.31 11.82
C VAL A 84 -48.46 39.96 12.43
N LEU A 85 -48.21 40.44 13.65
CA LEU A 85 -47.01 40.07 14.39
C LEU A 85 -46.84 38.55 14.52
N VAL A 86 -47.92 37.85 14.88
CA VAL A 86 -47.94 36.38 14.96
C VAL A 86 -47.53 35.71 13.64
N GLY A 87 -48.00 36.28 12.53
CA GLY A 87 -47.68 35.78 11.18
C GLY A 87 -46.26 36.09 10.73
N LEU A 88 -45.77 37.29 11.08
CA LEU A 88 -44.39 37.70 10.79
C LEU A 88 -43.45 36.81 11.61
N ARG A 89 -43.75 36.68 12.89
CA ARG A 89 -43.09 35.73 13.78
C ARG A 89 -43.00 34.36 13.13
N ARG A 90 -44.13 33.82 12.67
CA ARG A 90 -44.20 32.50 12.02
C ARG A 90 -43.33 32.35 10.76
N ALA A 91 -43.22 33.44 10.00
CA ALA A 91 -42.37 33.46 8.81
C ALA A 91 -40.87 33.44 9.13
N LEU A 92 -40.48 34.30 10.08
CA LEU A 92 -39.11 34.37 10.54
C LEU A 92 -38.70 33.02 11.18
N HIS A 93 -39.62 32.40 11.93
CA HIS A 93 -39.28 31.18 12.63
C HIS A 93 -39.03 30.05 11.61
N THR A 94 -39.89 30.01 10.60
CA THR A 94 -39.86 28.95 9.61
C THR A 94 -38.94 29.23 8.38
N GLY A 95 -38.31 30.40 8.30
CA GLY A 95 -37.39 30.75 7.19
C GLY A 95 -37.96 31.15 5.82
N ARG A 96 -39.14 31.75 5.79
CA ARG A 96 -39.68 32.28 4.51
C ARG A 96 -39.76 33.79 4.54
N LEU A 97 -39.84 34.37 3.35
CA LEU A 97 -40.11 35.78 3.23
C LEU A 97 -41.50 36.06 3.80
N PRO A 98 -41.62 37.11 4.67
CA PRO A 98 -42.96 37.53 5.16
C PRO A 98 -43.89 37.93 4.01
N ASP A 99 -45.17 37.60 4.09
CA ASP A 99 -46.19 38.11 3.11
C ASP A 99 -46.20 39.67 3.06
N ALA A 100 -46.67 40.30 1.99
CA ALA A 100 -46.81 41.78 1.96
C ALA A 100 -47.60 42.36 3.14
N ARG A 101 -48.56 41.60 3.61
CA ARG A 101 -49.38 41.91 4.79
C ARG A 101 -48.65 41.68 6.15
N GLU A 102 -47.47 41.07 6.16
CA GLU A 102 -46.79 40.71 7.42
C GLU A 102 -45.59 41.63 7.74
N TRP A 103 -45.17 42.41 6.76
CA TRP A 103 -43.99 43.25 6.91
C TRP A 103 -44.30 44.53 6.14
N THR A 104 -44.67 45.57 6.90
CA THR A 104 -45.25 46.82 6.39
C THR A 104 -44.62 47.94 7.22
N PRO A 105 -44.79 49.20 6.79
CA PRO A 105 -44.22 50.28 7.64
C PRO A 105 -44.84 50.42 9.04
N ARG A 106 -46.10 50.04 9.16
CA ARG A 106 -46.79 50.02 10.45
C ARG A 106 -46.23 48.97 11.36
N VAL A 107 -45.94 47.78 10.81
CA VAL A 107 -45.49 46.67 11.65
C VAL A 107 -44.10 47.10 12.11
N ALA A 108 -43.28 47.63 11.19
CA ALA A 108 -41.95 48.11 11.54
C ALA A 108 -41.98 49.23 12.63
N SER A 109 -42.99 50.10 12.56
CA SER A 109 -43.30 51.11 13.59
C SER A 109 -43.61 50.59 15.00
N ALA A 110 -44.39 49.52 15.10
CA ALA A 110 -44.70 48.94 16.41
C ALA A 110 -43.52 48.24 17.08
N LEU A 111 -42.41 48.02 16.36
CA LEU A 111 -41.21 47.40 16.94
C LEU A 111 -40.18 48.47 17.38
N PRO A 112 -39.31 48.13 18.39
CA PRO A 112 -38.08 48.85 18.70
C PRO A 112 -37.20 48.95 17.49
N ALA A 113 -36.64 50.12 17.25
CA ALA A 113 -35.84 50.39 16.04
C ALA A 113 -34.77 49.35 15.73
N GLU A 114 -34.20 48.75 16.77
CA GLU A 114 -33.10 47.78 16.59
C GLU A 114 -33.67 46.46 16.05
N LEU A 115 -34.79 45.99 16.61
CA LEU A 115 -35.51 44.84 16.07
C LEU A 115 -36.06 45.11 14.65
N ALA A 116 -36.53 46.31 14.38
CA ALA A 116 -37.07 46.65 13.05
C ALA A 116 -35.95 46.60 12.03
N ALA A 117 -34.82 47.23 12.34
CA ALA A 117 -33.65 47.15 11.50
C ALA A 117 -33.11 45.71 11.28
N ARG A 118 -33.11 44.89 12.32
CA ARG A 118 -32.65 43.51 12.20
C ARG A 118 -33.56 42.72 11.30
N VAL A 119 -34.85 42.97 11.46
CA VAL A 119 -35.88 42.34 10.60
C VAL A 119 -35.73 42.81 9.18
N ALA A 120 -35.47 44.11 9.02
CA ALA A 120 -35.27 44.71 7.69
C ALA A 120 -34.10 44.03 6.99
N ASP A 121 -32.96 43.99 7.67
CA ASP A 121 -31.76 43.31 7.11
C ASP A 121 -32.00 41.83 6.73
N TRP A 122 -32.71 41.09 7.58
CA TRP A 122 -33.04 39.73 7.26
C TRP A 122 -33.87 39.63 6.00
N VAL A 123 -34.82 40.53 5.83
CA VAL A 123 -35.71 40.50 4.65
C VAL A 123 -34.91 40.80 3.39
N THR A 124 -34.08 41.82 3.47
CA THR A 124 -33.22 42.18 2.36
C THR A 124 -32.39 40.98 1.91
N ARG A 125 -31.61 40.42 2.87
CA ARG A 125 -30.73 39.26 2.61
C ARG A 125 -31.50 38.01 2.08
N MET A 126 -32.70 37.76 2.61
CA MET A 126 -33.55 36.68 2.12
C MET A 126 -33.91 36.86 0.64
N ARG A 127 -34.24 38.11 0.30
CA ARG A 127 -34.54 38.47 -1.08
C ARG A 127 -33.31 38.25 -1.99
N ALA A 128 -32.16 38.80 -1.60
CA ALA A 128 -30.88 38.56 -2.30
C ALA A 128 -30.52 37.06 -2.46
N LEU A 129 -30.69 36.30 -1.40
CA LEU A 129 -30.46 34.84 -1.48
C LEU A 129 -31.36 34.18 -2.52
N THR A 130 -32.65 34.52 -2.52
CA THR A 130 -33.62 33.92 -3.44
C THR A 130 -33.23 34.18 -4.91
N ARG A 131 -32.75 35.40 -5.22
CA ARG A 131 -32.40 35.72 -6.62
C ARG A 131 -31.13 34.98 -7.01
N ALA A 132 -30.16 34.93 -6.10
CA ALA A 132 -28.89 34.23 -6.34
C ALA A 132 -29.07 32.69 -6.44
N ARG A 133 -30.02 32.12 -5.70
CA ARG A 133 -30.42 30.74 -5.98
C ARG A 133 -30.84 30.53 -7.47
N ARG A 134 -31.56 31.50 -8.07
CA ARG A 134 -32.02 31.37 -9.45
C ARG A 134 -30.90 31.46 -10.51
N GLU A 135 -29.92 32.30 -10.26
CA GLU A 135 -28.78 32.51 -11.16
C GLU A 135 -27.84 31.26 -11.28
N LEU A 136 -27.68 30.53 -10.17
CA LEU A 136 -26.58 29.54 -9.96
C LEU A 136 -26.46 28.39 -10.95
N PRO A 137 -27.59 27.72 -11.26
CA PRO A 137 -27.55 26.55 -12.14
C PRO A 137 -26.95 26.76 -13.55
N GLU A 138 -27.14 27.94 -14.15
CA GLU A 138 -26.56 28.26 -15.46
C GLU A 138 -25.09 28.56 -15.31
N LEU A 139 -24.72 29.24 -14.23
CA LEU A 139 -23.31 29.55 -13.97
C LEU A 139 -22.58 28.22 -13.81
N PHE A 140 -23.07 27.36 -12.92
CA PHE A 140 -22.39 26.09 -12.63
C PHE A 140 -22.33 25.23 -13.88
N ALA A 141 -23.43 25.11 -14.61
CA ALA A 141 -23.43 24.27 -15.80
C ALA A 141 -22.40 24.75 -16.81
N ALA A 142 -22.29 26.06 -16.99
CA ALA A 142 -21.37 26.62 -17.96
C ALA A 142 -19.91 26.44 -17.55
N GLU A 143 -19.62 26.63 -16.26
CA GLU A 143 -18.27 26.40 -15.73
C GLU A 143 -17.88 24.90 -15.86
N ALA A 144 -18.77 23.97 -15.46
CA ALA A 144 -18.47 22.52 -15.55
C ALA A 144 -18.11 22.05 -16.95
N ARG A 145 -18.79 22.64 -17.91
CA ARG A 145 -18.65 22.27 -19.31
C ARG A 145 -17.31 22.77 -19.86
N VAL A 146 -16.91 23.98 -19.50
CA VAL A 146 -15.57 24.52 -19.82
C VAL A 146 -14.45 23.60 -19.27
N LYS A 147 -14.67 23.00 -18.09
CA LYS A 147 -13.69 22.11 -17.46
C LYS A 147 -13.49 20.83 -18.24
N GLU A 148 -14.41 20.46 -19.12
CA GLU A 148 -14.17 19.33 -19.98
C GLU A 148 -12.89 19.49 -20.80
N LYS A 149 -12.66 20.69 -21.36
CA LYS A 149 -11.46 20.88 -22.14
C LYS A 149 -10.21 21.04 -21.29
N VAL A 150 -10.38 21.48 -20.05
CA VAL A 150 -9.28 21.61 -19.11
C VAL A 150 -8.81 20.20 -18.74
N LEU A 151 -9.76 19.26 -18.64
CA LEU A 151 -9.43 17.87 -18.38
C LEU A 151 -8.57 17.25 -19.47
N ALA A 152 -8.89 17.55 -20.73
CA ALA A 152 -8.05 17.04 -21.82
C ALA A 152 -6.70 17.76 -21.77
N GLN A 153 -6.68 19.03 -21.41
CA GLN A 153 -5.42 19.80 -21.33
C GLN A 153 -4.48 19.14 -20.34
N VAL A 154 -4.99 18.90 -19.14
CA VAL A 154 -4.26 18.22 -18.08
C VAL A 154 -3.83 16.79 -18.51
N ALA A 155 -4.75 16.03 -19.12
CA ALA A 155 -4.49 14.62 -19.51
C ALA A 155 -3.53 14.49 -20.70
N ALA A 156 -3.25 15.59 -21.40
CA ALA A 156 -2.27 15.55 -22.51
C ALA A 156 -0.83 15.28 -22.13
N ASP A 157 -0.45 15.58 -20.90
CA ASP A 157 0.89 15.31 -20.43
C ASP A 157 1.41 13.93 -20.95
N PRO A 158 2.60 13.91 -21.58
CA PRO A 158 3.18 12.65 -22.07
C PRO A 158 3.35 11.55 -21.02
N GLY A 159 3.90 11.89 -19.83
CA GLY A 159 4.14 10.90 -18.72
C GLY A 159 2.82 10.22 -18.29
N PHE A 160 1.79 11.04 -18.22
CA PHE A 160 0.49 10.59 -17.84
C PHE A 160 -0.14 9.68 -18.89
N ARG A 161 -0.03 10.04 -20.16
CA ARG A 161 -0.59 9.24 -21.24
C ARG A 161 0.10 7.88 -21.35
N ARG A 162 1.36 7.83 -20.99
CA ARG A 162 2.12 6.61 -20.97
C ARG A 162 1.67 5.69 -19.82
N ALA A 163 1.44 6.25 -18.65
CA ALA A 163 0.98 5.51 -17.51
C ALA A 163 -0.42 4.95 -17.79
N LEU A 164 -1.28 5.82 -18.28
CA LEU A 164 -2.63 5.45 -18.63
C LEU A 164 -2.64 4.37 -19.71
N SER A 165 -1.69 4.44 -20.65
CA SER A 165 -1.62 3.48 -21.79
C SER A 165 -1.36 2.04 -21.33
N LEU A 166 -0.60 1.89 -20.27
CA LEU A 166 -0.38 0.60 -19.65
C LEU A 166 -1.58 0.19 -18.82
N ALA A 167 -2.09 1.12 -18.02
CA ALA A 167 -3.13 0.80 -17.08
C ALA A 167 -4.45 0.56 -17.77
N SER A 168 -4.74 1.34 -18.83
CA SER A 168 -6.06 1.31 -19.45
C SER A 168 -5.98 1.68 -20.91
N PRO A 169 -5.49 0.76 -21.76
CA PRO A 169 -5.15 1.13 -23.11
C PRO A 169 -6.27 1.71 -23.99
N GLU A 170 -7.49 1.18 -23.87
CA GLU A 170 -8.60 1.65 -24.69
C GLU A 170 -9.01 3.07 -24.32
N LEU A 171 -9.08 3.33 -23.02
CA LEU A 171 -9.37 4.66 -22.55
C LEU A 171 -8.23 5.58 -22.98
N ALA A 172 -6.99 5.09 -22.97
CA ALA A 172 -5.87 5.93 -23.41
C ALA A 172 -5.85 6.24 -24.91
N ALA A 173 -6.35 5.32 -25.73
CA ALA A 173 -6.45 5.53 -27.21
C ALA A 173 -7.56 6.53 -27.49
N ASP A 174 -8.60 6.44 -26.66
CA ASP A 174 -9.71 7.35 -26.77
C ASP A 174 -9.28 8.78 -26.37
N LEU A 175 -8.44 8.90 -25.36
CA LEU A 175 -7.87 10.17 -25.02
C LEU A 175 -7.02 10.70 -26.19
N ASP A 176 -6.18 9.85 -26.76
CA ASP A 176 -5.36 10.24 -27.93
C ASP A 176 -6.20 10.72 -29.17
N ARG A 177 -7.29 10.04 -29.47
CA ARG A 177 -8.25 10.50 -30.47
C ARG A 177 -8.85 11.85 -30.09
N TRP A 178 -9.22 12.03 -28.82
CA TRP A 178 -9.79 13.30 -28.38
C TRP A 178 -8.82 14.46 -28.60
N LEU A 179 -7.57 14.22 -28.26
CA LEU A 179 -6.56 15.22 -28.44
C LEU A 179 -6.40 15.58 -29.93
N ALA A 180 -6.49 14.57 -30.81
CA ALA A 180 -6.33 14.76 -32.26
C ALA A 180 -7.57 15.35 -32.90
N GLU A 181 -8.72 15.12 -32.28
CA GLU A 181 -10.00 15.64 -32.76
C GLU A 181 -10.75 16.43 -31.67
N PRO A 182 -10.29 17.64 -31.32
CA PRO A 182 -10.91 18.39 -30.19
C PRO A 182 -12.26 18.96 -30.56
N ALA A 183 -13.15 19.08 -29.60
CA ALA A 183 -14.60 19.14 -29.86
C ALA A 183 -15.07 17.85 -30.57
N ARG A 184 -14.46 16.73 -30.16
CA ARG A 184 -15.00 15.39 -30.30
C ARG A 184 -15.24 14.96 -28.85
N ARG A 185 -16.23 15.62 -28.27
CA ARG A 185 -16.64 15.53 -26.87
C ARG A 185 -17.01 14.08 -26.45
N PRO A 186 -16.09 13.37 -25.74
CA PRO A 186 -16.35 11.97 -25.32
C PRO A 186 -17.49 11.85 -24.30
N LYS A 187 -18.03 10.64 -24.18
CA LYS A 187 -19.17 10.37 -23.30
C LYS A 187 -18.83 10.64 -21.84
N THR A 188 -19.82 11.06 -21.04
CA THR A 188 -19.59 11.38 -19.63
C THR A 188 -18.80 10.30 -18.91
N GLN A 189 -19.13 9.05 -19.15
CA GLN A 189 -18.48 7.97 -18.41
C GLN A 189 -16.98 7.86 -18.66
N LYS A 190 -16.53 8.16 -19.88
CA LYS A 190 -15.11 8.24 -20.18
C LYS A 190 -14.45 9.41 -19.45
N LEU A 191 -15.11 10.56 -19.45
CA LEU A 191 -14.62 11.72 -18.71
C LEU A 191 -14.45 11.45 -17.21
N LEU A 192 -15.36 10.70 -16.63
CA LEU A 192 -15.26 10.39 -15.20
C LEU A 192 -14.09 9.48 -14.91
N ARG A 193 -13.91 8.48 -15.76
CA ARG A 193 -12.73 7.62 -15.70
C ARG A 193 -11.41 8.37 -15.87
N LEU A 194 -11.34 9.31 -16.82
CA LEU A 194 -10.13 10.13 -16.98
C LEU A 194 -9.91 10.97 -15.74
N ALA A 195 -10.96 11.66 -15.28
CA ALA A 195 -10.80 12.53 -14.14
C ALA A 195 -10.29 11.77 -12.93
N LYS A 196 -10.78 10.55 -12.75
CA LYS A 196 -10.28 9.68 -11.70
C LYS A 196 -8.78 9.32 -11.81
N TYR A 197 -8.33 8.98 -13.01
CA TYR A 197 -6.89 8.76 -13.19
C TYR A 197 -6.10 10.06 -12.99
N VAL A 198 -6.62 11.19 -13.45
CA VAL A 198 -5.94 12.45 -13.23
C VAL A 198 -5.72 12.71 -11.74
N ALA A 199 -6.76 12.50 -10.97
CA ALA A 199 -6.72 12.66 -9.51
C ALA A 199 -5.70 11.72 -8.94
N ARG A 200 -5.72 10.47 -9.39
CA ARG A 200 -4.73 9.52 -8.91
C ARG A 200 -3.34 10.08 -9.13
N ALA A 201 -3.07 10.58 -10.33
CA ALA A 201 -1.72 10.99 -10.69
C ALA A 201 -1.29 12.33 -10.03
N ALA A 202 -2.24 13.13 -9.56
CA ALA A 202 -1.97 14.39 -8.90
C ALA A 202 -1.92 14.24 -7.39
N VAL A 203 -2.64 13.27 -6.81
CA VAL A 203 -2.69 13.22 -5.34
C VAL A 203 -2.37 11.91 -4.66
N LYS A 204 -2.17 10.83 -5.40
CA LYS A 204 -1.88 9.55 -4.76
C LYS A 204 -0.48 9.09 -4.96
N THR A 205 0.24 8.90 -3.87
CA THR A 205 1.62 8.51 -3.92
C THR A 205 1.72 6.97 -3.80
N SER A 206 1.08 6.24 -4.70
CA SER A 206 1.18 4.77 -4.74
C SER A 206 1.80 4.42 -6.08
N PRO A 207 2.60 3.38 -6.09
CA PRO A 207 3.25 2.86 -7.27
C PRO A 207 2.16 2.24 -8.15
N TYR A 208 1.96 2.80 -9.33
CA TYR A 208 0.94 2.28 -10.19
C TYR A 208 1.40 2.28 -11.66
N SER A 209 2.54 2.89 -11.91
CA SER A 209 3.03 2.95 -13.24
C SER A 209 3.38 4.37 -13.61
N THR A 210 4.26 4.54 -14.51
CA THR A 210 4.46 5.92 -14.80
C THR A 210 3.57 6.94 -13.98
N PHE A 211 2.57 6.60 -13.15
CA PHE A 211 1.72 7.70 -12.53
C PHE A 211 2.49 8.51 -11.50
N THR A 212 3.30 7.80 -10.73
CA THR A 212 4.30 8.38 -9.86
C THR A 212 5.72 7.88 -10.26
N SER A 213 6.73 8.51 -9.68
CA SER A 213 8.13 8.12 -9.82
C SER A 213 8.81 8.20 -8.47
N MET A 214 9.95 7.51 -8.38
CA MET A 214 10.63 7.37 -7.12
C MET A 214 12.12 7.68 -7.29
N GLY A 215 12.71 8.42 -6.35
CA GLY A 215 14.17 8.48 -6.22
C GLY A 215 14.65 8.63 -4.79
N VAL A 216 15.97 8.74 -4.62
CA VAL A 216 16.59 8.88 -3.31
C VAL A 216 16.61 10.34 -2.91
N ALA A 217 16.50 10.59 -1.61
CA ALA A 217 16.77 11.88 -1.01
C ALA A 217 18.07 11.83 -0.17
N VAL A 218 18.65 13.01 0.07
CA VAL A 218 19.85 13.17 0.90
C VAL A 218 19.65 14.28 1.96
N TRP A 219 20.45 14.19 3.00
CA TRP A 219 20.45 15.16 4.06
C TRP A 219 21.50 16.21 3.70
N GLU A 220 21.11 17.47 3.73
CA GLU A 220 22.00 18.55 3.40
C GLU A 220 22.18 19.48 4.56
N ASN A 221 23.43 19.74 4.77
CA ASN A 221 23.96 20.61 5.78
C ASN A 221 23.13 21.61 6.54
N GLY A 222 22.43 21.15 7.57
CA GLY A 222 21.64 22.11 8.29
C GLY A 222 22.17 23.43 7.77
N GLU A 223 22.22 24.43 8.61
CA GLU A 223 22.80 25.72 8.16
C GLU A 223 22.15 26.38 6.90
N ASP A 224 22.11 25.66 5.80
CA ASP A 224 21.54 26.15 4.57
C ASP A 224 20.00 26.05 4.43
N TRP A 225 19.27 26.49 5.44
CA TRP A 225 17.82 26.37 5.52
C TRP A 225 17.07 27.52 6.22
N ALA A 226 17.61 28.72 6.04
CA ALA A 226 17.09 29.98 6.54
C ALA A 226 15.64 30.06 6.10
N ASP A 227 15.47 29.32 5.02
CA ASP A 227 14.34 28.92 4.23
C ASP A 227 13.15 28.65 5.15
N GLY A 228 13.17 27.53 5.82
CA GLY A 228 12.10 27.14 6.67
C GLY A 228 11.60 25.85 6.08
N ALA A 229 12.05 25.59 4.87
CA ALA A 229 11.74 24.34 4.21
C ALA A 229 12.28 23.14 5.00
N ILE A 230 11.53 22.06 4.95
CA ILE A 230 11.99 20.77 5.46
C ILE A 230 12.69 20.00 4.35
N VAL A 231 12.40 20.38 3.12
CA VAL A 231 12.93 19.75 1.92
C VAL A 231 13.15 20.72 0.76
N ARG A 232 14.10 20.42 -0.07
CA ARG A 232 14.37 21.24 -1.21
C ARG A 232 14.60 20.35 -2.42
N PHE A 233 13.92 20.62 -3.52
CA PHE A 233 14.03 19.79 -4.70
C PHE A 233 15.02 20.20 -5.79
N ALA A 234 15.72 19.24 -6.33
CA ALA A 234 16.55 19.50 -7.46
C ALA A 234 15.69 19.75 -8.69
N PRO A 235 16.27 20.36 -9.74
CA PRO A 235 15.56 20.50 -10.99
C PRO A 235 15.00 19.18 -11.48
N ARG A 236 13.76 19.18 -11.92
CA ARG A 236 13.11 17.91 -12.17
C ARG A 236 13.80 17.09 -13.26
N GLU A 237 14.32 15.92 -12.87
CA GLU A 237 14.84 14.94 -13.84
C GLU A 237 13.67 14.16 -14.50
N PRO A 238 13.62 14.13 -15.84
CA PRO A 238 12.62 13.24 -16.46
C PRO A 238 12.72 11.78 -15.96
N PRO A 239 11.59 11.19 -15.50
CA PRO A 239 11.69 9.79 -15.02
C PRO A 239 12.13 8.78 -16.08
N SER A 240 12.90 7.79 -15.68
CA SER A 240 13.26 6.67 -16.57
C SER A 240 12.43 5.50 -16.13
N VAL A 241 12.06 4.67 -17.11
CA VAL A 241 11.10 3.63 -16.90
C VAL A 241 11.69 2.27 -17.15
N ILE A 242 11.38 1.32 -16.27
CA ILE A 242 11.86 -0.05 -16.42
C ILE A 242 10.61 -0.95 -16.64
N LEU A 243 10.61 -1.68 -17.74
CA LEU A 243 9.52 -2.55 -18.12
C LEU A 243 9.92 -3.94 -17.67
N GLU A 244 8.98 -4.65 -17.02
CA GLU A 244 9.20 -5.94 -16.43
C GLU A 244 8.02 -6.87 -16.71
N PRO A 245 8.28 -8.16 -16.84
CA PRO A 245 7.22 -9.14 -17.03
C PRO A 245 6.69 -9.59 -15.67
N SER A 246 5.43 -9.99 -15.63
CA SER A 246 4.83 -10.71 -14.52
C SER A 246 5.75 -11.81 -14.07
N GLY A 247 6.07 -11.84 -12.79
CA GLY A 247 6.87 -12.95 -12.22
C GLY A 247 6.18 -14.31 -12.44
N GLU A 248 4.86 -14.36 -12.29
CA GLU A 248 4.21 -15.66 -12.42
C GLU A 248 4.25 -16.18 -13.84
N TRP A 249 4.02 -15.29 -14.81
CA TRP A 249 4.19 -15.65 -16.21
C TRP A 249 5.57 -16.18 -16.42
N LEU A 250 6.58 -15.43 -15.91
CA LEU A 250 7.97 -15.71 -16.19
C LEU A 250 8.37 -17.07 -15.67
N HIS A 251 7.93 -17.42 -14.47
CA HIS A 251 8.33 -18.69 -13.87
C HIS A 251 7.56 -19.91 -14.41
N GLY A 252 6.31 -19.71 -14.82
CA GLY A 252 5.59 -20.73 -15.57
C GLY A 252 6.25 -21.06 -16.90
N ALA A 253 6.79 -20.02 -17.56
CA ALA A 253 7.37 -20.22 -18.86
C ALA A 253 8.77 -20.83 -18.76
N LEU A 254 9.47 -20.47 -17.71
CA LEU A 254 10.77 -21.00 -17.39
C LEU A 254 10.66 -22.48 -17.01
N ARG A 255 9.73 -22.83 -16.16
CA ARG A 255 9.62 -24.22 -15.79
C ARG A 255 9.22 -25.03 -17.01
N ALA A 256 8.44 -24.44 -17.91
CA ALA A 256 8.07 -25.20 -19.07
C ALA A 256 9.29 -25.59 -19.88
N TRP A 257 10.21 -24.67 -19.99
CA TRP A 257 11.44 -24.83 -20.78
C TRP A 257 12.43 -25.78 -20.14
N LEU A 258 12.52 -25.69 -18.81
CA LEU A 258 13.39 -26.56 -18.01
C LEU A 258 12.94 -28.02 -17.95
N ALA A 259 11.66 -28.27 -18.26
CA ALA A 259 11.12 -29.62 -18.42
C ALA A 259 11.40 -30.25 -19.79
N ARG A 260 11.85 -29.48 -20.79
CA ARG A 260 12.07 -30.05 -22.11
C ARG A 260 13.45 -30.74 -22.19
N PRO A 261 13.47 -32.02 -22.68
CA PRO A 261 14.67 -32.84 -22.83
C PRO A 261 15.90 -32.11 -23.37
N GLU A 262 15.75 -31.37 -24.48
CA GLU A 262 16.91 -30.72 -25.10
C GLU A 262 17.61 -29.65 -24.27
N ASN A 263 16.95 -29.12 -23.25
CA ASN A 263 17.54 -28.05 -22.41
C ASN A 263 18.23 -28.50 -21.13
N LEU A 264 18.36 -29.81 -20.94
CA LEU A 264 19.20 -30.35 -19.86
C LEU A 264 20.66 -29.88 -19.99
N VAL A 265 21.19 -29.97 -21.22
CA VAL A 265 22.55 -29.49 -21.47
C VAL A 265 22.69 -27.96 -21.35
N ARG A 266 21.58 -27.24 -21.46
CA ARG A 266 21.54 -25.79 -21.16
C ARG A 266 21.22 -25.46 -19.69
N SER A 267 21.09 -26.48 -18.85
CA SER A 267 20.71 -26.32 -17.47
C SER A 267 21.84 -26.72 -16.52
N ARG A 268 21.72 -26.33 -15.26
CA ARG A 268 22.53 -26.88 -14.15
C ARG A 268 21.54 -27.50 -13.24
N LEU A 269 22.01 -28.40 -12.39
CA LEU A 269 21.16 -29.04 -11.41
C LEU A 269 21.70 -28.77 -10.03
N ARG A 270 20.81 -28.86 -9.03
CA ARG A 270 21.23 -28.88 -7.64
C ARG A 270 20.22 -29.67 -6.84
N LEU A 271 20.69 -30.27 -5.73
CA LEU A 271 19.79 -30.91 -4.77
C LEU A 271 18.79 -29.84 -4.20
N ASN A 272 17.52 -30.21 -4.12
CA ASN A 272 16.50 -29.38 -3.49
C ASN A 272 16.94 -29.14 -2.03
N PRO A 273 17.05 -27.87 -1.62
CA PRO A 273 17.57 -27.56 -0.29
C PRO A 273 16.57 -27.85 0.83
N SER A 274 15.37 -28.31 0.48
CA SER A 274 14.49 -28.89 1.46
C SER A 274 14.65 -30.39 1.64
N LEU A 275 15.48 -31.05 0.85
CA LEU A 275 15.57 -32.52 0.92
C LEU A 275 16.12 -33.00 2.27
N VAL A 276 15.38 -33.90 2.90
CA VAL A 276 15.85 -34.56 4.13
C VAL A 276 15.65 -36.07 3.95
N ILE A 277 16.71 -36.83 4.14
CA ILE A 277 16.66 -38.26 4.01
C ILE A 277 16.43 -38.80 5.42
N ARG A 278 15.27 -39.42 5.61
CA ARG A 278 14.81 -39.88 6.91
C ARG A 278 15.18 -41.37 7.18
N ALA A 279 16.39 -41.77 6.75
CA ALA A 279 16.87 -43.17 6.83
C ALA A 279 16.07 -44.24 6.03
N ASP A 280 15.21 -43.79 5.10
CA ASP A 280 14.27 -44.68 4.37
C ASP A 280 13.60 -43.98 3.18
N LYS A 281 13.04 -42.81 3.46
CA LYS A 281 12.33 -42.01 2.50
C LYS A 281 13.02 -40.68 2.34
N ALA A 282 12.67 -40.00 1.24
CA ALA A 282 13.09 -38.62 0.96
C ALA A 282 11.92 -37.73 1.35
N GLU A 283 12.16 -36.73 2.20
CA GLU A 283 11.13 -35.67 2.47
C GLU A 283 11.57 -34.37 1.88
N PHE A 284 10.70 -33.70 1.16
CA PHE A 284 11.08 -32.41 0.56
C PHE A 284 9.84 -31.62 0.20
N LEU A 285 10.06 -30.36 -0.20
CA LEU A 285 8.99 -29.47 -0.66
C LEU A 285 9.04 -29.42 -2.16
N GLY A 286 7.88 -29.44 -2.82
CA GLY A 286 7.82 -29.48 -4.27
C GLY A 286 7.58 -28.10 -4.87
N PHE A 287 7.36 -28.11 -6.17
CA PHE A 287 7.18 -26.91 -7.01
C PHE A 287 6.21 -25.83 -6.49
N PRO A 288 6.60 -24.54 -6.54
CA PRO A 288 5.60 -23.49 -6.28
C PRO A 288 4.60 -23.39 -7.45
N PRO A 289 3.41 -22.81 -7.27
CA PRO A 289 2.96 -22.12 -6.04
C PRO A 289 2.31 -23.01 -4.97
N ARG A 290 1.74 -24.16 -5.36
CA ARG A 290 1.14 -25.09 -4.39
C ARG A 290 2.36 -25.80 -4.00
N GLU A 291 2.74 -25.81 -2.76
CA GLU A 291 4.10 -26.30 -2.49
C GLU A 291 3.94 -27.57 -1.68
N PRO A 292 3.60 -28.71 -2.34
CA PRO A 292 3.25 -29.87 -1.54
C PRO A 292 4.43 -30.36 -0.74
N ILE A 293 4.11 -30.94 0.41
CA ILE A 293 5.06 -31.52 1.31
C ILE A 293 5.05 -32.94 0.85
N ILE A 294 6.23 -33.41 0.47
CA ILE A 294 6.36 -34.69 -0.25
C ILE A 294 7.26 -35.65 0.53
N ARG A 295 6.77 -36.87 0.68
CA ARG A 295 7.53 -37.97 1.24
C ARG A 295 7.49 -39.13 0.24
N MET A 296 8.66 -39.58 -0.22
CA MET A 296 8.71 -40.65 -1.22
C MET A 296 9.70 -41.74 -0.87
N GLY A 297 9.39 -42.97 -1.31
CA GLY A 297 10.19 -44.16 -1.01
C GLY A 297 11.43 -44.17 -1.89
N LEU A 298 12.61 -44.26 -1.28
CA LEU A 298 13.85 -44.50 -2.01
C LEU A 298 14.09 -46.00 -2.33
N THR A 299 14.42 -46.28 -3.60
CA THR A 299 15.14 -47.51 -3.94
C THR A 299 16.62 -47.26 -3.57
N PRO A 300 17.42 -48.34 -3.40
CA PRO A 300 18.85 -48.13 -3.07
C PRO A 300 19.63 -47.39 -4.16
N VAL A 301 19.27 -47.64 -5.42
CA VAL A 301 19.83 -46.87 -6.55
C VAL A 301 19.50 -45.36 -6.46
N VAL A 302 18.24 -45.01 -6.23
CA VAL A 302 17.88 -43.60 -6.07
C VAL A 302 18.66 -42.99 -4.89
N ALA A 303 18.68 -43.68 -3.75
CA ALA A 303 19.52 -43.24 -2.62
C ALA A 303 21.02 -43.01 -2.96
N THR A 304 21.61 -43.83 -3.82
CA THR A 304 23.03 -43.62 -4.19
C THR A 304 23.14 -42.39 -5.16
N VAL A 305 22.18 -42.26 -6.08
CA VAL A 305 22.11 -41.08 -6.98
C VAL A 305 22.16 -39.81 -6.12
N LEU A 306 21.37 -39.78 -5.05
CA LEU A 306 21.31 -38.62 -4.14
C LEU A 306 22.63 -38.41 -3.38
N ARG A 307 23.26 -39.48 -2.90
CA ARG A 307 24.61 -39.38 -2.28
C ARG A 307 25.72 -38.83 -3.21
N LEU A 308 25.77 -39.33 -4.44
CA LEU A 308 26.83 -38.91 -5.42
C LEU A 308 26.61 -37.52 -5.99
N ALA A 309 25.41 -36.96 -5.81
CA ALA A 309 25.16 -35.51 -6.01
C ALA A 309 26.06 -34.62 -5.19
N GLU A 310 26.53 -35.11 -4.05
CA GLU A 310 27.42 -34.30 -3.22
C GLU A 310 28.79 -34.05 -3.89
N PRO A 311 29.59 -35.10 -4.17
CA PRO A 311 30.90 -34.86 -4.80
C PRO A 311 30.78 -34.37 -6.24
N ALA A 312 29.68 -34.71 -6.93
CA ALA A 312 29.39 -34.20 -8.28
C ALA A 312 29.11 -32.70 -8.34
N ALA A 313 28.88 -32.10 -7.17
CA ALA A 313 28.60 -30.68 -7.06
C ALA A 313 29.84 -29.82 -7.29
N ASP A 314 29.54 -28.60 -7.71
CA ASP A 314 30.48 -27.52 -7.94
C ASP A 314 31.09 -27.07 -6.62
N ALA A 315 32.01 -26.11 -6.69
CA ALA A 315 32.48 -25.38 -5.51
C ALA A 315 31.36 -24.57 -4.88
N ASP A 316 30.39 -24.15 -5.69
CA ASP A 316 29.19 -23.44 -5.23
C ASP A 316 27.88 -24.27 -5.33
N GLY A 317 27.97 -25.60 -5.31
CA GLY A 317 26.80 -26.46 -5.17
C GLY A 317 26.08 -26.89 -6.44
N TRP A 318 26.43 -26.30 -7.58
CA TRP A 318 25.83 -26.67 -8.86
C TRP A 318 26.34 -27.98 -9.43
N ILE A 319 25.48 -28.69 -10.15
CA ILE A 319 25.83 -29.98 -10.70
C ILE A 319 25.68 -29.95 -12.23
N ASP A 320 26.85 -29.91 -12.89
CA ASP A 320 27.05 -30.18 -14.30
C ASP A 320 26.33 -31.47 -14.70
N PRO A 321 25.24 -31.37 -15.46
CA PRO A 321 24.46 -32.57 -15.73
C PRO A 321 25.11 -33.64 -16.62
N MET A 322 25.96 -33.25 -17.58
CA MET A 322 26.66 -34.24 -18.44
C MET A 322 27.59 -35.14 -17.59
N GLY A 323 28.54 -34.53 -16.85
CA GLY A 323 29.49 -35.21 -15.99
C GLY A 323 28.82 -36.03 -14.89
N PHE A 324 27.62 -35.61 -14.51
CA PHE A 324 26.83 -36.33 -13.54
C PHE A 324 26.22 -37.57 -14.18
N ARG A 325 25.85 -37.51 -15.44
CA ARG A 325 25.26 -38.66 -16.06
C ARG A 325 26.30 -39.76 -16.32
N ASP A 326 27.55 -39.36 -16.50
CA ASP A 326 28.60 -40.32 -16.72
C ASP A 326 28.88 -40.78 -15.32
N ARG A 327 29.28 -39.86 -14.47
CA ARG A 327 29.60 -40.19 -13.09
C ARG A 327 28.65 -41.21 -12.49
N LEU A 328 27.36 -41.09 -12.79
CA LEU A 328 26.36 -42.10 -12.41
C LEU A 328 26.47 -43.38 -13.24
N ALA A 329 26.68 -43.24 -14.54
CA ALA A 329 26.89 -44.40 -15.41
C ALA A 329 27.97 -45.35 -14.85
N ARG A 330 29.11 -44.81 -14.43
CA ARG A 330 30.18 -45.61 -13.81
C ARG A 330 30.25 -45.60 -12.25
N ASP A 331 29.09 -45.58 -11.58
CA ASP A 331 28.98 -45.89 -10.12
C ASP A 331 27.77 -46.81 -9.90
N LEU A 332 26.64 -46.48 -10.53
CA LEU A 332 25.66 -47.50 -10.89
C LEU A 332 26.29 -48.39 -12.00
N PRO A 333 25.56 -49.43 -12.45
CA PRO A 333 25.85 -49.97 -13.77
C PRO A 333 25.76 -48.89 -14.90
N ALA A 334 26.30 -49.21 -16.08
CA ALA A 334 26.63 -48.21 -17.14
C ALA A 334 25.44 -47.54 -17.88
N GLU A 335 24.69 -48.35 -18.64
CA GLU A 335 23.52 -47.93 -19.43
C GLU A 335 23.05 -46.48 -19.24
N PRO A 336 23.54 -45.57 -20.11
CA PRO A 336 23.09 -44.18 -20.12
C PRO A 336 21.58 -43.97 -20.37
N GLU A 337 20.95 -44.81 -21.20
CA GLU A 337 19.51 -44.74 -21.50
C GLU A 337 18.68 -44.63 -20.24
N GLN A 338 19.06 -45.37 -19.19
CA GLN A 338 18.30 -45.28 -17.94
C GLN A 338 18.97 -44.46 -16.82
N VAL A 339 20.22 -44.04 -16.92
CA VAL A 339 20.73 -42.93 -16.07
C VAL A 339 19.93 -41.65 -16.38
N ASP A 340 19.51 -41.49 -17.65
CA ASP A 340 18.72 -40.33 -18.08
C ASP A 340 17.28 -40.36 -17.59
N ARG A 341 16.56 -41.47 -17.75
CA ARG A 341 15.18 -41.57 -17.22
C ARG A 341 15.09 -41.43 -15.68
N LEU A 342 16.14 -41.86 -14.99
CA LEU A 342 16.20 -41.84 -13.55
C LEU A 342 16.38 -40.40 -13.09
N LEU A 343 17.39 -39.73 -13.65
CA LEU A 343 17.52 -38.27 -13.56
C LEU A 343 16.23 -37.51 -13.92
N ARG A 344 15.62 -37.88 -15.04
CA ARG A 344 14.38 -37.24 -15.46
C ARG A 344 13.31 -37.41 -14.38
N SER A 345 13.19 -38.60 -13.80
CA SER A 345 12.16 -38.84 -12.80
C SER A 345 12.43 -38.05 -11.48
N LEU A 346 13.69 -37.89 -11.14
CA LEU A 346 14.08 -37.05 -10.03
C LEU A 346 13.78 -35.57 -10.26
N ILE A 347 13.94 -35.09 -11.50
CA ILE A 347 13.65 -33.72 -11.84
C ILE A 347 12.14 -33.45 -11.81
N GLU A 348 11.36 -34.27 -12.51
CA GLU A 348 9.89 -34.17 -12.52
C GLU A 348 9.29 -34.20 -11.11
N ALA A 349 9.96 -34.88 -10.18
CA ALA A 349 9.49 -35.04 -8.82
C ALA A 349 9.80 -33.83 -7.97
N GLY A 350 10.89 -33.15 -8.29
CA GLY A 350 11.37 -31.99 -7.54
C GLY A 350 12.55 -32.20 -6.59
N VAL A 351 13.12 -33.41 -6.55
CA VAL A 351 14.30 -33.69 -5.68
C VAL A 351 15.58 -33.04 -6.24
N LEU A 352 15.70 -33.08 -7.56
CA LEU A 352 16.79 -32.45 -8.26
C LEU A 352 16.14 -31.35 -9.07
N GLU A 353 16.71 -30.16 -8.96
CA GLU A 353 16.15 -28.97 -9.61
C GLU A 353 16.98 -28.62 -10.81
N ALA A 354 16.30 -28.39 -11.91
CA ALA A 354 16.85 -27.87 -13.12
C ALA A 354 16.73 -26.34 -13.09
N HIS A 355 17.85 -25.64 -13.30
CA HIS A 355 17.84 -24.20 -13.52
C HIS A 355 18.63 -23.83 -14.79
N PRO A 356 18.27 -22.71 -15.47
CA PRO A 356 19.05 -22.24 -16.63
C PRO A 356 20.50 -21.84 -16.30
N LEU A 357 21.30 -21.64 -17.34
CA LEU A 357 22.77 -21.43 -17.20
C LEU A 357 23.16 -20.01 -16.80
N THR A 358 22.23 -19.06 -16.83
CA THR A 358 22.55 -17.62 -16.81
C THR A 358 21.66 -16.80 -15.86
N ARG A 359 22.10 -15.57 -15.58
CA ARG A 359 21.46 -14.66 -14.61
C ARG A 359 19.90 -14.65 -14.66
N ALA A 360 19.30 -13.80 -15.51
CA ALA A 360 17.83 -13.50 -15.48
C ALA A 360 17.14 -13.81 -16.82
N GLY A 361 16.73 -15.05 -16.99
CA GLY A 361 16.18 -15.56 -18.22
C GLY A 361 17.06 -16.73 -18.66
N LEU A 362 16.88 -17.17 -19.90
CA LEU A 362 17.58 -18.31 -20.49
C LEU A 362 18.61 -17.93 -21.54
N PRO A 363 19.76 -18.62 -21.45
CA PRO A 363 21.08 -18.61 -22.09
C PRO A 363 21.19 -17.61 -23.23
N GLU A 364 20.29 -17.83 -24.16
CA GLU A 364 20.08 -17.00 -25.32
C GLU A 364 19.21 -17.73 -26.34
N THR A 365 18.44 -18.69 -25.90
CA THR A 365 17.62 -19.47 -26.83
C THR A 365 16.77 -18.48 -27.61
N GLY A 366 16.43 -18.82 -28.85
CA GLY A 366 15.72 -17.91 -29.76
C GLY A 366 14.65 -17.03 -29.12
N GLU A 367 13.53 -17.68 -28.79
CA GLU A 367 12.35 -17.00 -28.21
C GLU A 367 12.66 -16.14 -26.97
N TRP A 368 13.65 -16.55 -26.18
CA TRP A 368 14.02 -15.86 -24.93
C TRP A 368 14.90 -14.61 -25.13
N ALA A 369 15.72 -14.60 -26.18
CA ALA A 369 16.53 -13.42 -26.49
C ALA A 369 15.72 -12.33 -27.18
N GLU A 370 14.63 -12.71 -27.88
CA GLU A 370 13.64 -11.75 -28.41
C GLU A 370 12.87 -11.10 -27.27
N ILE A 371 12.28 -11.92 -26.40
CA ILE A 371 11.62 -11.42 -25.18
C ILE A 371 12.53 -10.47 -24.45
N ARG A 372 13.73 -10.98 -24.10
CA ARG A 372 14.68 -10.22 -23.26
C ARG A 372 15.12 -8.88 -23.88
N ALA A 373 15.21 -8.86 -25.21
CA ALA A 373 15.59 -7.66 -25.95
C ALA A 373 14.43 -6.66 -26.04
N ALA A 374 13.26 -7.15 -26.46
CA ALA A 374 12.00 -6.38 -26.43
C ALA A 374 11.65 -5.82 -25.04
N LEU A 375 11.92 -6.60 -23.99
CA LEU A 375 11.81 -6.09 -22.59
C LEU A 375 12.79 -4.95 -22.33
N ARG A 376 14.03 -5.15 -22.78
CA ARG A 376 15.10 -4.15 -22.61
C ARG A 376 15.00 -2.92 -23.56
N HIS A 377 14.27 -3.02 -24.69
CA HIS A 377 14.14 -1.95 -25.72
C HIS A 377 14.03 -0.56 -25.13
N ASP A 378 15.04 0.29 -25.32
CA ASP A 378 14.97 1.69 -24.85
C ASP A 378 13.92 2.40 -25.71
N PRO A 379 12.84 2.89 -25.08
CA PRO A 379 11.68 3.41 -25.84
C PRO A 379 11.81 4.81 -26.46
N HIS A 380 12.88 5.56 -26.15
CA HIS A 380 13.01 7.04 -26.41
C HIS A 380 12.25 7.57 -27.65
N GLY A 381 11.58 8.70 -27.50
CA GLY A 381 10.91 9.37 -28.63
C GLY A 381 9.64 8.70 -29.07
N GLU A 382 9.10 7.83 -28.22
CA GLU A 382 7.99 6.97 -28.60
C GLU A 382 6.74 7.64 -28.08
N ASP A 383 5.77 7.86 -28.96
CA ASP A 383 4.54 8.48 -28.55
C ASP A 383 3.68 7.40 -27.90
N PRO A 384 2.56 7.77 -27.26
CA PRO A 384 1.81 6.72 -26.55
C PRO A 384 1.14 5.65 -27.41
N GLU A 385 0.73 6.01 -28.62
CA GLU A 385 0.12 5.02 -29.53
C GLU A 385 1.15 3.96 -29.94
N ALA A 386 2.38 4.40 -30.24
CA ALA A 386 3.49 3.47 -30.59
C ALA A 386 3.83 2.59 -29.41
N TYR A 387 3.66 3.11 -28.20
CA TYR A 387 3.94 2.39 -26.96
C TYR A 387 2.91 1.32 -26.80
N ARG A 388 1.66 1.66 -27.03
CA ARG A 388 0.59 0.70 -26.92
C ARG A 388 0.78 -0.44 -27.92
N VAL A 389 1.14 -0.12 -29.14
CA VAL A 389 1.36 -1.09 -30.17
C VAL A 389 2.45 -2.03 -29.78
N ARG A 390 3.54 -1.45 -29.33
CA ARG A 390 4.68 -2.20 -28.90
C ARG A 390 4.37 -3.13 -27.76
N LEU A 391 3.56 -2.70 -26.81
CA LEU A 391 3.25 -3.55 -25.70
C LEU A 391 2.34 -4.68 -26.07
N ALA A 392 1.47 -4.42 -27.01
CA ALA A 392 0.48 -5.42 -27.44
C ALA A 392 1.19 -6.57 -28.21
N ARG A 393 2.18 -6.16 -29.01
CA ARG A 393 3.07 -7.08 -29.69
C ARG A 393 3.90 -7.93 -28.74
N LEU A 394 4.47 -7.30 -27.70
CA LEU A 394 5.24 -8.04 -26.67
C LEU A 394 4.34 -9.00 -25.92
N LYS A 395 3.13 -8.58 -25.58
CA LYS A 395 2.20 -9.48 -24.93
C LYS A 395 1.99 -10.73 -25.77
N ARG A 396 1.84 -10.56 -27.08
CA ARG A 396 1.56 -11.72 -27.97
C ARG A 396 2.75 -12.70 -27.94
N ALA A 397 3.95 -12.20 -28.15
CA ALA A 397 5.13 -13.08 -28.11
C ALA A 397 5.22 -13.85 -26.76
N MET A 398 4.76 -13.20 -25.69
CA MET A 398 4.72 -13.83 -24.38
C MET A 398 3.73 -14.99 -24.33
N THR A 399 2.51 -14.79 -24.85
CA THR A 399 1.48 -15.82 -24.79
C THR A 399 1.70 -16.93 -25.83
N MET A 400 2.32 -16.60 -26.97
CA MET A 400 2.79 -17.60 -27.95
C MET A 400 4.11 -18.19 -27.45
N MET A 401 4.11 -18.61 -26.19
CA MET A 401 5.30 -19.12 -25.51
C MET A 401 4.90 -19.74 -24.18
N TRP A 402 4.08 -19.03 -23.40
CA TRP A 402 3.44 -19.60 -22.21
C TRP A 402 2.16 -18.80 -21.93
N PRO A 403 1.00 -19.49 -21.71
CA PRO A 403 -0.26 -18.72 -21.68
C PRO A 403 -0.38 -17.78 -20.48
N GLN A 404 -1.07 -16.65 -20.71
CA GLN A 404 -1.38 -15.73 -19.63
C GLN A 404 -2.07 -16.47 -18.51
N GLY A 405 -2.98 -17.37 -18.85
CA GLY A 405 -3.82 -18.07 -17.87
C GLY A 405 -4.66 -17.04 -17.11
N ASP A 406 -4.78 -17.21 -15.80
CA ASP A 406 -5.41 -16.19 -14.95
C ASP A 406 -4.46 -15.04 -14.53
N THR A 407 -3.26 -14.97 -15.12
CA THR A 407 -2.30 -13.91 -14.80
C THR A 407 -2.92 -12.58 -15.18
N THR A 408 -3.26 -11.78 -14.17
CA THR A 408 -3.69 -10.42 -14.39
C THR A 408 -2.44 -9.52 -14.58
N ALA A 409 -2.37 -8.80 -15.70
CA ALA A 409 -1.20 -8.00 -16.11
C ALA A 409 0.06 -8.84 -16.45
N LEU A 410 0.41 -8.89 -17.73
CA LEU A 410 1.65 -9.53 -18.21
C LEU A 410 2.87 -8.67 -18.09
N LEU A 411 2.67 -7.35 -17.95
CA LEU A 411 3.74 -6.36 -17.90
C LEU A 411 3.48 -5.32 -16.81
N HIS A 412 4.53 -4.92 -16.11
CA HIS A 412 4.49 -3.80 -15.18
C HIS A 412 5.57 -2.85 -15.67
N GLU A 413 5.40 -1.57 -15.36
CA GLU A 413 6.47 -0.56 -15.53
C GLU A 413 6.64 0.18 -14.23
N THR A 414 7.85 0.66 -13.98
CA THR A 414 8.16 1.44 -12.79
C THR A 414 9.04 2.61 -13.21
N ALA A 415 8.77 3.78 -12.65
CA ALA A 415 9.46 5.00 -13.04
C ALA A 415 10.38 5.37 -11.92
N VAL A 416 11.65 5.58 -12.21
CA VAL A 416 12.67 6.01 -11.19
C VAL A 416 13.45 7.25 -11.68
N VAL A 417 14.14 7.95 -10.79
CA VAL A 417 15.16 8.91 -11.24
C VAL A 417 16.53 8.53 -10.64
N THR A 418 17.55 8.91 -11.37
CA THR A 418 18.90 8.41 -11.13
C THR A 418 19.65 9.31 -10.19
N ARG A 419 19.24 10.58 -10.10
CA ARG A 419 19.98 11.54 -9.27
C ARG A 419 19.11 11.82 -8.08
N PRO A 420 19.72 12.22 -6.95
CA PRO A 420 18.93 12.58 -5.82
C PRO A 420 17.90 13.63 -6.20
N VAL A 421 16.68 13.37 -5.84
CA VAL A 421 15.56 14.25 -6.12
C VAL A 421 15.47 15.41 -5.17
N ALA A 422 15.88 15.20 -3.93
CA ALA A 422 15.68 16.25 -2.93
C ALA A 422 16.73 16.19 -1.89
N SER A 423 16.93 17.34 -1.25
CA SER A 423 17.70 17.44 -0.01
C SER A 423 16.75 17.71 1.14
N LEU A 424 17.09 17.16 2.30
CA LEU A 424 16.31 17.22 3.51
C LEU A 424 17.01 18.03 4.58
N ASN A 425 16.23 18.77 5.36
CA ASN A 425 16.74 19.67 6.39
C ASN A 425 16.83 18.90 7.69
N PRO A 426 18.04 18.48 8.10
CA PRO A 426 18.11 17.62 9.29
C PRO A 426 17.76 18.31 10.58
N THR A 427 17.78 19.65 10.66
CA THR A 427 17.34 20.28 11.91
C THR A 427 15.82 20.41 11.95
N ALA A 428 15.16 20.62 10.83
CA ALA A 428 13.66 20.73 10.83
C ALA A 428 13.01 19.38 10.97
N TRP A 429 13.54 18.38 10.31
CA TRP A 429 13.26 17.00 10.62
C TRP A 429 14.10 16.85 11.84
N GLY A 430 13.79 16.00 12.76
CA GLY A 430 14.61 16.04 14.00
C GLY A 430 13.72 15.57 15.10
N ARG A 431 12.85 16.45 15.53
CA ARG A 431 11.79 16.10 16.44
C ARG A 431 10.79 15.12 15.76
N GLY A 432 10.55 15.30 14.46
CA GLY A 432 9.56 14.47 13.77
C GLY A 432 10.06 13.05 13.74
N LEU A 433 11.36 12.86 13.48
CA LEU A 433 11.95 11.53 13.35
C LEU A 433 12.04 10.86 14.70
N SER A 434 12.37 11.65 15.70
CA SER A 434 12.33 11.21 17.07
C SER A 434 10.91 10.70 17.46
N ASP A 435 9.89 11.49 17.18
CA ASP A 435 8.52 11.11 17.48
C ASP A 435 8.13 9.81 16.69
N LEU A 436 8.61 9.72 15.47
CA LEU A 436 8.33 8.62 14.58
C LEU A 436 8.90 7.30 15.11
N ASP A 437 10.10 7.37 15.67
CA ASP A 437 10.77 6.18 16.25
C ASP A 437 10.00 5.63 17.45
N VAL A 438 9.54 6.52 18.31
CA VAL A 438 8.71 6.19 19.44
C VAL A 438 7.43 5.54 18.89
N VAL A 439 6.83 6.14 17.88
CA VAL A 439 5.60 5.59 17.29
C VAL A 439 5.83 4.19 16.69
N ARG A 440 6.91 4.07 15.93
CA ARG A 440 7.31 2.85 15.29
C ARG A 440 7.44 1.70 16.30
N ARG A 441 7.98 1.99 17.48
CA ARG A 441 8.14 0.97 18.52
C ARG A 441 6.80 0.64 19.15
N TRP A 442 6.00 1.67 19.43
CA TRP A 442 4.75 1.47 20.12
C TRP A 442 3.72 0.68 19.27
N LEU A 443 3.69 0.95 17.98
CA LEU A 443 2.82 0.18 17.07
C LEU A 443 3.10 -1.34 17.07
N SER A 444 4.21 -1.77 17.64
CA SER A 444 4.48 -3.22 17.76
C SER A 444 3.41 -4.00 18.46
N VAL A 445 2.76 -3.41 19.46
CA VAL A 445 1.74 -4.12 20.21
C VAL A 445 0.55 -4.56 19.32
N PHE A 446 0.30 -3.79 18.26
CA PHE A 446 -0.79 -4.04 17.32
C PHE A 446 -0.47 -5.00 16.18
N ASP A 447 0.76 -5.47 16.09
CA ASP A 447 1.23 -6.31 14.97
C ASP A 447 0.33 -7.54 14.84
N GLY A 448 -0.27 -7.71 13.66
CA GLY A 448 -1.10 -8.90 13.36
C GLY A 448 -0.37 -10.25 13.36
N LYS A 449 0.96 -10.25 13.38
CA LYS A 449 1.80 -11.47 13.57
C LYS A 449 2.07 -11.86 15.03
N LEU A 450 1.84 -10.99 15.99
CA LEU A 450 2.05 -11.36 17.36
C LEU A 450 1.17 -12.54 17.81
N PRO A 451 -0.16 -12.52 17.51
CA PRO A 451 -0.90 -13.72 17.90
C PRO A 451 -0.36 -15.01 17.29
N ILE A 452 0.03 -14.93 16.02
CA ILE A 452 0.65 -16.03 15.30
C ILE A 452 1.84 -16.58 16.04
N ARG A 453 2.73 -15.68 16.45
CA ARG A 453 3.92 -16.06 17.16
C ARG A 453 3.57 -16.76 18.45
N ILE A 454 2.63 -16.18 19.19
CA ILE A 454 2.18 -16.74 20.46
C ILE A 454 1.56 -18.15 20.29
N VAL A 455 0.74 -18.31 19.26
CA VAL A 455 0.07 -19.56 19.04
C VAL A 455 1.10 -20.62 18.59
N VAL A 456 2.01 -20.23 17.70
CA VAL A 456 3.06 -21.11 17.19
C VAL A 456 3.99 -21.58 18.31
N ALA A 457 4.33 -20.68 19.21
CA ALA A 457 5.17 -20.99 20.33
C ALA A 457 4.47 -21.96 21.27
N GLU A 458 3.20 -21.70 21.54
CA GLU A 458 2.39 -22.61 22.38
C GLU A 458 2.24 -24.01 21.76
N TYR A 459 2.06 -24.10 20.45
CA TYR A 459 2.07 -25.40 19.76
C TYR A 459 3.41 -26.16 19.97
N LEU A 460 4.51 -25.46 19.74
CA LEU A 460 5.83 -26.00 20.01
C LEU A 460 5.91 -26.61 21.41
N ARG A 461 5.48 -25.84 22.40
CA ARG A 461 5.63 -26.20 23.80
C ARG A 461 4.76 -27.40 24.08
N ALA A 462 3.53 -27.37 23.58
CA ALA A 462 2.54 -28.41 23.84
C ALA A 462 2.89 -29.74 23.15
N ARG A 463 3.16 -29.73 21.85
CA ARG A 463 3.44 -31.00 21.17
C ARG A 463 4.80 -31.64 21.50
N TYR A 464 5.84 -30.83 21.69
CA TYR A 464 7.23 -31.30 21.70
C TYR A 464 8.02 -31.07 23.02
N GLY A 465 7.59 -30.09 23.83
CA GLY A 465 8.16 -29.86 25.16
C GLY A 465 9.02 -28.63 25.12
N GLU A 466 9.20 -27.99 26.26
CA GLU A 466 9.78 -26.64 26.36
C GLU A 466 11.20 -26.55 25.80
N HIS A 467 11.96 -27.60 26.03
CA HIS A 467 13.34 -27.68 25.57
C HIS A 467 13.45 -28.33 24.20
N ALA A 468 12.35 -28.62 23.53
CA ALA A 468 12.40 -29.27 22.20
C ALA A 468 13.11 -28.47 21.12
N ARG A 469 13.67 -29.21 20.17
CA ARG A 469 14.36 -28.69 19.03
C ARG A 469 13.85 -29.48 17.86
N VAL A 470 13.05 -28.87 17.02
CA VAL A 470 12.33 -29.55 15.99
C VAL A 470 12.80 -29.11 14.62
N PRO A 471 13.35 -30.05 13.81
CA PRO A 471 13.66 -29.63 12.41
C PRO A 471 12.50 -28.79 11.80
N PHE A 472 12.86 -27.64 11.22
CA PHE A 472 11.85 -26.71 10.66
C PHE A 472 10.84 -27.38 9.71
N LEU A 473 11.33 -28.24 8.82
CA LEU A 473 10.46 -28.90 7.86
C LEU A 473 9.44 -29.84 8.49
N THR A 474 9.84 -30.51 9.55
CA THR A 474 8.91 -31.37 10.28
C THR A 474 7.87 -30.49 10.99
N PHE A 475 8.31 -29.35 11.54
CA PHE A 475 7.39 -28.39 12.20
C PHE A 475 6.38 -27.79 11.22
N HIS A 476 6.86 -27.38 10.06
CA HIS A 476 5.99 -26.88 9.00
C HIS A 476 4.94 -27.91 8.61
N ARG A 477 5.37 -29.16 8.49
CA ARG A 477 4.46 -30.23 8.10
C ARG A 477 3.41 -30.45 9.18
N HIS A 478 3.86 -30.55 10.42
CA HIS A 478 2.93 -30.76 11.52
C HIS A 478 1.90 -29.63 11.59
N VAL A 479 2.36 -28.39 11.60
CA VAL A 479 1.43 -27.27 11.58
C VAL A 479 0.45 -27.37 10.43
N GLN A 480 0.94 -27.72 9.24
CA GLN A 480 0.06 -27.79 8.08
C GLN A 480 -0.92 -28.92 8.27
N GLU A 481 -0.48 -30.04 8.86
CA GLU A 481 -1.41 -31.13 9.18
C GLU A 481 -2.54 -30.64 10.13
N GLU A 482 -2.20 -29.82 11.11
CA GLU A 482 -3.20 -29.34 12.09
C GLU A 482 -4.26 -28.47 11.41
N ILE A 483 -3.80 -27.55 10.58
CA ILE A 483 -4.66 -26.67 9.78
C ILE A 483 -5.63 -27.41 8.83
N ALA A 484 -5.17 -28.48 8.20
CA ALA A 484 -6.01 -29.25 7.26
C ALA A 484 -7.01 -30.15 7.99
N GLY A 485 -6.63 -30.66 9.16
CA GLY A 485 -7.46 -31.56 9.92
C GLY A 485 -8.44 -30.88 10.86
N ASP A 486 -8.76 -31.59 11.93
CA ASP A 486 -10.01 -31.40 12.65
C ASP A 486 -9.90 -31.30 14.17
N ALA A 487 -8.74 -31.61 14.75
CA ALA A 487 -8.65 -31.86 16.20
C ALA A 487 -8.56 -30.54 16.98
N PRO A 488 -8.90 -30.57 18.28
CA PRO A 488 -8.81 -29.33 19.08
C PRO A 488 -7.37 -28.86 19.32
N SER A 489 -6.40 -29.76 19.12
CA SER A 489 -5.01 -29.40 19.17
C SER A 489 -4.66 -28.38 18.08
N GLY A 490 -5.37 -28.44 16.96
CA GLY A 490 -5.18 -27.51 15.88
C GLY A 490 -6.02 -26.25 15.90
N ALA A 491 -6.87 -26.07 16.93
CA ALA A 491 -7.89 -25.00 16.93
C ALA A 491 -7.26 -23.62 16.81
N ASP A 492 -6.32 -23.29 17.69
CA ASP A 492 -5.65 -21.97 17.64
C ASP A 492 -4.86 -21.71 16.36
N LEU A 493 -4.13 -22.73 15.88
CA LEU A 493 -3.45 -22.63 14.60
C LEU A 493 -4.46 -22.32 13.47
N ARG A 494 -5.61 -23.00 13.45
CA ARG A 494 -6.63 -22.73 12.41
C ARG A 494 -7.19 -21.34 12.54
N THR A 495 -7.43 -20.89 13.77
CA THR A 495 -7.95 -19.54 14.01
C THR A 495 -7.01 -18.44 13.54
N PHE A 496 -5.72 -18.54 13.84
CA PHE A 496 -4.74 -17.45 13.59
C PHE A 496 -3.73 -17.65 12.49
N VAL A 497 -3.42 -18.90 12.17
CA VAL A 497 -2.51 -19.25 11.08
C VAL A 497 -3.25 -19.82 9.85
N GLY A 498 -4.56 -20.10 9.97
CA GLY A 498 -5.33 -20.70 8.87
C GLY A 498 -6.02 -19.68 8.00
N ARG A 499 -6.66 -20.12 6.90
CA ARG A 499 -7.43 -19.18 6.07
C ARG A 499 -8.53 -18.57 6.93
N SER A 500 -8.42 -17.25 7.16
CA SER A 500 -9.27 -16.45 8.06
C SER A 500 -8.46 -15.28 8.64
N ALA A 501 -9.10 -14.11 8.74
CA ALA A 501 -8.57 -13.00 9.53
C ALA A 501 -8.79 -13.26 11.04
N ALA A 502 -9.86 -14.00 11.36
CA ALA A 502 -10.21 -14.40 12.74
C ALA A 502 -11.59 -15.13 12.76
N ILE A 503 -12.22 -15.32 13.94
CA ILE A 503 -13.62 -15.81 14.04
C ILE A 503 -14.62 -14.67 13.78
N TRP A 504 -14.49 -13.58 14.54
CA TRP A 504 -15.15 -12.28 14.24
C TRP A 504 -14.04 -11.22 14.03
N ALA A 505 -13.52 -10.65 15.13
CA ALA A 505 -12.27 -9.86 15.15
C ALA A 505 -11.23 -10.78 15.82
N PRO A 506 -9.91 -10.39 15.84
CA PRO A 506 -8.92 -11.25 16.55
C PRO A 506 -9.40 -11.70 17.97
N PRO A 507 -9.91 -12.94 18.12
CA PRO A 507 -10.69 -13.29 19.33
C PRO A 507 -9.77 -13.53 20.53
N LEU A 508 -9.20 -12.42 20.99
CA LEU A 508 -8.41 -12.38 22.18
C LEU A 508 -9.39 -11.94 23.29
N ALA A 509 -8.94 -11.88 24.53
CA ALA A 509 -9.75 -11.57 25.72
C ALA A 509 -10.43 -12.84 26.25
N HIS A 510 -11.19 -13.54 25.40
CA HIS A 510 -11.89 -14.80 25.78
C HIS A 510 -11.22 -16.04 25.20
N SER A 511 -9.88 -16.08 25.21
CA SER A 511 -9.09 -17.16 24.59
C SER A 511 -8.56 -18.04 25.71
N ARG A 512 -8.28 -19.30 25.38
CA ARG A 512 -7.72 -20.26 26.34
C ARG A 512 -6.30 -19.85 26.78
N LEU A 513 -5.50 -19.27 25.87
CA LEU A 513 -4.07 -19.04 26.17
C LEU A 513 -3.84 -17.75 26.96
N PRO A 514 -3.10 -17.83 28.10
CA PRO A 514 -2.93 -16.61 28.87
C PRO A 514 -2.37 -15.45 28.05
N ARG A 515 -1.38 -15.68 27.20
CA ARG A 515 -0.74 -14.55 26.53
C ARG A 515 -1.58 -13.90 25.45
N LEU A 516 -2.60 -14.61 24.93
CA LEU A 516 -3.53 -13.98 24.01
C LEU A 516 -4.44 -13.00 24.75
N ARG A 517 -4.77 -13.35 25.99
CA ARG A 517 -5.58 -12.52 26.85
C ARG A 517 -4.74 -11.35 27.39
N GLU A 518 -3.49 -11.59 27.73
CA GLU A 518 -2.63 -10.50 28.20
C GLU A 518 -2.43 -9.50 27.01
N LEU A 519 -2.32 -10.03 25.77
CA LEU A 519 -2.14 -9.15 24.61
C LEU A 519 -3.32 -8.22 24.39
N ALA A 520 -4.54 -8.78 24.51
CA ALA A 520 -5.79 -8.02 24.32
C ALA A 520 -5.90 -6.87 25.29
N LYS A 521 -5.44 -7.08 26.52
CA LYS A 521 -5.49 -6.02 27.52
C LYS A 521 -4.40 -5.01 27.28
N LEU A 522 -3.28 -5.46 26.73
CA LEU A 522 -2.19 -4.54 26.44
C LEU A 522 -2.58 -3.62 25.27
N ARG A 523 -3.27 -4.19 24.29
CA ARG A 523 -3.84 -3.43 23.18
C ARG A 523 -4.92 -2.43 23.61
N GLU A 524 -5.89 -2.89 24.39
CA GLU A 524 -6.93 -2.03 24.93
C GLU A 524 -6.32 -0.91 25.77
N ALA A 525 -5.27 -1.18 26.56
CA ALA A 525 -4.64 -0.13 27.37
C ALA A 525 -3.86 0.87 26.52
N ALA A 526 -3.37 0.38 25.39
CA ALA A 526 -2.64 1.21 24.44
C ALA A 526 -3.64 2.13 23.75
N ARG A 527 -4.73 1.55 23.28
CA ARG A 527 -5.73 2.35 22.68
C ARG A 527 -6.35 3.33 23.65
N GLU A 528 -6.59 2.94 24.89
CA GLU A 528 -7.26 3.87 25.83
C GLU A 528 -6.32 4.96 26.35
N LEU A 529 -5.03 4.69 26.46
CA LEU A 529 -4.01 5.74 26.67
C LEU A 529 -4.04 6.79 25.52
N ALA A 530 -4.08 6.33 24.27
CA ALA A 530 -4.12 7.27 23.17
C ALA A 530 -5.36 8.13 23.12
N LEU A 531 -6.52 7.49 23.24
CA LEU A 531 -7.83 8.17 23.16
C LEU A 531 -8.33 8.84 24.48
N GLY A 532 -7.68 8.57 25.61
CA GLY A 532 -8.07 9.20 26.95
C GLY A 532 -7.45 10.59 27.12
N ARG A 533 -7.90 11.51 26.27
CA ARG A 533 -7.35 12.84 26.28
C ARG A 533 -8.30 13.76 25.51
N PRO A 534 -8.18 15.07 25.77
CA PRO A 534 -9.08 16.00 25.09
C PRO A 534 -8.85 16.13 23.56
N GLU A 535 -9.95 16.40 22.88
CA GLU A 535 -9.98 16.90 21.52
C GLU A 535 -10.01 18.41 21.62
N HIS A 536 -8.93 19.02 21.21
CA HIS A 536 -8.85 20.44 20.92
C HIS A 536 -8.66 20.59 19.40
N ASP A 537 -9.53 21.42 18.79
CA ASP A 537 -9.60 21.70 17.31
C ASP A 537 -9.45 20.45 16.46
N GLY A 538 -10.20 19.43 16.84
CA GLY A 538 -10.23 18.16 16.15
C GLY A 538 -8.97 17.30 16.22
N ILE A 539 -8.07 17.62 17.15
CA ILE A 539 -6.79 16.93 17.33
C ILE A 539 -6.73 16.38 18.77
N GLN A 540 -6.45 15.08 18.93
CA GLN A 540 -6.07 14.54 20.25
C GLN A 540 -4.57 14.36 20.15
N ARG A 541 -3.83 14.94 21.11
CA ARG A 541 -2.36 14.96 21.07
C ARG A 541 -1.76 14.09 22.19
N VAL A 542 -0.99 13.09 21.80
CA VAL A 542 -0.30 12.21 22.72
C VAL A 542 1.14 12.68 22.81
N ASP A 543 1.67 12.80 24.04
CA ASP A 543 3.08 13.13 24.21
C ASP A 543 3.88 11.83 24.07
N PRO A 544 4.92 11.79 23.23
CA PRO A 544 5.69 10.52 23.08
C PRO A 544 6.22 9.86 24.37
N GLU A 545 6.56 10.65 25.37
CA GLU A 545 7.03 10.10 26.63
C GLU A 545 5.96 9.28 27.28
N GLU A 546 4.67 9.59 27.05
CA GLU A 546 3.61 8.70 27.57
C GLU A 546 3.71 7.31 26.95
N LEU A 547 3.99 7.24 25.64
CA LEU A 547 4.13 5.91 25.03
C LEU A 547 5.41 5.18 25.46
N ILE A 548 6.48 5.94 25.72
CA ILE A 548 7.69 5.37 26.23
C ILE A 548 7.43 4.76 27.63
N LYS A 549 6.75 5.51 28.49
CA LYS A 549 6.32 5.02 29.80
C LYS A 549 5.50 3.73 29.73
N GLN A 550 4.50 3.71 28.82
CA GLN A 550 3.68 2.53 28.65
C GLN A 550 4.57 1.38 28.17
N MET A 551 5.47 1.63 27.23
CA MET A 551 6.31 0.54 26.71
C MET A 551 7.25 -0.12 27.73
N ALA A 552 7.87 0.67 28.62
CA ALA A 552 8.82 0.14 29.63
C ALA A 552 8.21 -1.00 30.52
N THR A 553 6.87 -0.98 30.59
CA THR A 553 5.94 -1.92 31.21
C THR A 553 5.63 -3.24 30.47
N TRP A 554 5.93 -3.29 29.19
CA TRP A 554 5.53 -4.43 28.36
C TRP A 554 6.37 -5.67 28.64
N PRO A 555 5.81 -6.84 28.42
CA PRO A 555 6.57 -8.06 28.65
C PRO A 555 7.48 -8.32 27.45
N GLU A 556 8.45 -9.18 27.68
CA GLU A 556 9.50 -9.49 26.70
C GLU A 556 9.07 -10.18 25.42
N TRP A 557 7.87 -10.73 25.40
CA TRP A 557 7.42 -11.37 24.20
C TRP A 557 6.86 -10.43 23.13
N ILE A 558 6.75 -9.13 23.45
CA ILE A 558 6.51 -8.08 22.45
C ILE A 558 7.89 -7.61 22.06
N VAL A 559 8.33 -7.97 20.85
CA VAL A 559 9.66 -7.53 20.41
C VAL A 559 9.49 -6.50 19.30
N VAL A 560 10.23 -5.44 19.45
CA VAL A 560 10.14 -4.34 18.58
C VAL A 560 11.17 -4.61 17.48
N PRO A 561 10.78 -4.55 16.20
CA PRO A 561 11.75 -4.71 15.12
C PRO A 561 12.92 -3.72 15.29
N ARG A 562 14.07 -4.08 14.75
CA ARG A 562 15.27 -3.23 14.82
C ARG A 562 15.20 -2.09 13.77
N SER A 563 14.44 -2.30 12.69
CA SER A 563 14.34 -1.37 11.60
C SER A 563 12.95 -1.41 10.95
N CYS A 564 12.46 -0.22 10.58
CA CYS A 564 11.16 -0.07 9.89
C CYS A 564 11.25 0.93 8.75
N ALA A 565 10.61 0.56 7.66
CA ALA A 565 10.31 1.50 6.59
C ALA A 565 9.04 2.22 6.98
N CYS A 566 9.14 3.53 7.19
CA CYS A 566 7.99 4.38 7.56
C CYS A 566 7.68 5.26 6.36
N TYR A 567 6.46 5.16 5.82
CA TYR A 567 6.02 6.01 4.74
C TYR A 567 5.28 7.18 5.32
N VAL A 568 5.85 8.38 5.12
CA VAL A 568 5.30 9.58 5.71
C VAL A 568 5.15 10.68 4.65
N GLN A 569 4.12 11.49 4.84
CA GLN A 569 3.85 12.67 4.05
C GLN A 569 3.90 13.86 4.95
N PRO A 570 4.71 14.88 4.58
CA PRO A 570 4.79 16.09 5.41
C PRO A 570 3.48 16.88 5.33
N ALA A 571 3.14 17.56 6.41
CA ALA A 571 1.95 18.39 6.51
C ALA A 571 2.33 19.63 7.31
N PRO A 572 1.46 20.67 7.33
CA PRO A 572 1.86 21.94 7.96
C PRO A 572 2.23 21.84 9.44
N GLU A 573 3.00 22.83 9.89
CA GLU A 573 3.51 22.92 11.27
C GLU A 573 4.33 21.69 11.64
N GLY A 574 5.14 21.26 10.68
CA GLY A 574 6.12 20.22 10.88
C GLY A 574 5.60 18.81 11.13
N ARG A 575 4.39 18.51 10.67
CA ARG A 575 3.81 17.19 10.87
C ARG A 575 4.30 16.16 9.88
N LEU A 576 4.38 14.90 10.29
CA LEU A 576 4.57 13.82 9.39
C LEU A 576 3.37 12.94 9.54
N VAL A 577 2.69 12.67 8.44
CA VAL A 577 1.47 11.87 8.47
C VAL A 577 1.91 10.44 8.12
N LEU A 578 1.79 9.51 9.07
CA LEU A 578 2.20 8.11 8.85
C LEU A 578 1.16 7.35 8.07
N ASN A 579 1.50 6.89 6.87
CA ASN A 579 0.54 6.10 6.05
C ASN A 579 0.70 4.61 6.27
N VAL A 580 1.92 4.15 6.34
CA VAL A 580 2.27 2.73 6.25
C VAL A 580 3.61 2.51 6.96
N VAL A 581 3.68 1.43 7.72
CA VAL A 581 4.95 0.91 8.22
C VAL A 581 5.13 -0.50 7.71
N HIS A 582 6.31 -0.76 7.19
CA HIS A 582 6.74 -2.16 6.98
C HIS A 582 8.17 -2.43 7.48
N GLY A 583 8.61 -3.64 7.23
CA GLY A 583 9.93 -3.99 7.65
C GLY A 583 10.94 -3.12 6.99
N GLY A 584 12.00 -2.83 7.70
CA GLY A 584 13.05 -2.02 7.19
C GLY A 584 14.12 -2.93 6.67
N HIS A 585 15.34 -2.59 6.97
CA HIS A 585 16.44 -3.42 6.53
C HIS A 585 16.76 -3.26 5.06
N GLY A 586 16.19 -2.22 4.50
CA GLY A 586 16.40 -1.81 3.14
C GLY A 586 15.28 -2.33 2.27
N ARG A 587 14.26 -2.93 2.83
CA ARG A 587 13.17 -3.40 2.02
C ARG A 587 12.54 -2.21 1.35
N GLY A 588 12.42 -2.25 0.06
CA GLY A 588 11.84 -1.09 -0.56
C GLY A 588 12.96 -0.32 -1.18
N LEU A 589 13.81 0.23 -0.37
CA LEU A 589 15.00 0.91 -0.84
C LEU A 589 15.94 0.05 -1.70
N ARG A 590 16.04 -1.26 -1.41
CA ARG A 590 16.93 -2.12 -2.15
C ARG A 590 16.39 -2.32 -3.57
N ARG A 591 15.09 -2.42 -3.70
CA ARG A 591 14.48 -2.45 -5.04
C ARG A 591 14.76 -1.14 -5.80
N LEU A 592 14.65 -0.01 -5.11
CA LEU A 592 14.88 1.27 -5.75
C LEU A 592 16.32 1.33 -6.28
N SER A 593 17.29 0.95 -5.44
CA SER A 593 18.74 0.91 -5.82
C SER A 593 19.04 0.02 -7.02
N HIS A 594 18.38 -1.12 -7.05
CA HIS A 594 18.51 -2.02 -8.17
C HIS A 594 17.86 -1.44 -9.44
N LEU A 595 16.68 -0.81 -9.32
CA LEU A 595 16.08 -0.16 -10.49
C LEU A 595 16.94 1.02 -10.99
N ILE A 596 17.44 1.86 -10.09
CA ILE A 596 18.37 2.93 -10.49
C ILE A 596 19.59 2.33 -11.17
N GLY A 597 20.11 1.23 -10.63
CA GLY A 597 21.30 0.56 -11.21
C GLY A 597 21.06 0.10 -12.64
N ARG A 598 19.93 -0.54 -12.89
CA ARG A 598 19.52 -0.86 -14.26
C ARG A 598 19.47 0.35 -15.26
N VAL A 599 18.97 1.50 -14.80
CA VAL A 599 18.75 2.69 -15.64
C VAL A 599 20.09 3.32 -15.94
N ARG A 600 20.94 3.46 -14.92
CA ARG A 600 22.33 3.98 -15.03
C ARG A 600 23.39 3.05 -15.65
N GLY A 601 23.19 1.74 -15.56
CA GLY A 601 24.20 0.76 -16.00
C GLY A 601 25.37 0.64 -15.04
N GLU A 602 25.14 0.91 -13.75
CA GLU A 602 26.12 0.61 -12.72
C GLU A 602 25.41 0.42 -11.37
N ALA A 603 25.73 -0.66 -10.67
CA ALA A 603 25.11 -0.95 -9.36
C ALA A 603 25.35 0.17 -8.34
N VAL A 604 24.38 0.33 -7.45
CA VAL A 604 24.46 1.15 -6.24
C VAL A 604 24.81 0.20 -5.09
N ASP A 605 25.91 0.45 -4.39
CA ASP A 605 26.23 -0.29 -3.16
C ASP A 605 25.28 0.06 -2.01
N HIS A 606 24.13 -0.61 -1.95
CA HIS A 606 23.28 -0.51 -0.76
C HIS A 606 23.96 -1.26 0.41
N PRO A 607 24.10 -0.61 1.58
CA PRO A 607 24.84 -1.27 2.66
C PRO A 607 24.18 -2.56 3.20
N MET A 608 25.00 -3.48 3.67
CA MET A 608 24.52 -4.79 4.13
C MET A 608 23.92 -4.71 5.50
N VAL A 609 23.03 -5.65 5.80
CA VAL A 609 22.44 -5.76 7.13
C VAL A 609 23.49 -6.29 8.10
N ALA A 610 23.56 -5.69 9.29
CA ALA A 610 24.55 -6.11 10.26
C ALA A 610 24.05 -7.28 11.10
N ASP A 611 24.88 -8.33 11.20
CA ASP A 611 24.58 -9.48 12.03
C ASP A 611 24.89 -9.22 13.52
N GLU A 612 23.86 -9.14 14.35
CA GLU A 612 24.02 -8.61 15.71
C GLU A 612 22.77 -9.00 16.49
N PRO A 613 22.85 -9.36 17.79
CA PRO A 613 24.10 -9.58 18.53
C PRO A 613 24.88 -10.80 18.03
N GLU A 614 26.05 -11.06 18.63
CA GLU A 614 26.78 -12.27 18.27
C GLU A 614 25.92 -13.48 18.59
N GLY A 615 26.02 -14.47 17.72
CA GLY A 615 25.14 -15.65 17.81
C GLY A 615 23.84 -15.50 17.04
N THR A 616 23.64 -14.34 16.41
CA THR A 616 22.43 -14.06 15.62
C THR A 616 22.83 -13.58 14.23
N VAL A 617 22.16 -14.14 13.21
CA VAL A 617 22.25 -13.64 11.87
C VAL A 617 20.87 -13.41 11.27
N TYR A 618 20.85 -12.41 10.41
CA TYR A 618 19.75 -12.05 9.57
C TYR A 618 20.05 -12.68 8.27
N ALA A 619 19.05 -13.30 7.67
CA ALA A 619 19.19 -14.03 6.44
C ALA A 619 17.93 -13.87 5.59
N GLU A 620 18.08 -13.38 4.39
CA GLU A 620 16.94 -13.34 3.50
C GLU A 620 16.83 -14.63 2.80
N LEU A 621 15.61 -14.86 2.37
CA LEU A 621 15.28 -15.96 1.52
C LEU A 621 15.97 -15.78 0.18
N SER A 622 16.56 -16.89 -0.30
CA SER A 622 17.37 -16.91 -1.52
C SER A 622 16.54 -16.60 -2.78
N GLY A 623 17.18 -16.02 -3.79
CA GLY A 623 16.50 -15.78 -5.06
C GLY A 623 15.35 -14.79 -4.94
N SER A 624 14.36 -14.94 -5.81
CA SER A 624 13.24 -13.99 -5.92
C SER A 624 11.86 -14.59 -5.67
N LEU A 625 11.81 -15.89 -5.40
CA LEU A 625 10.61 -16.56 -5.02
C LEU A 625 9.43 -16.32 -5.94
N GLY A 626 9.67 -16.34 -7.25
CA GLY A 626 8.63 -16.30 -8.26
C GLY A 626 8.16 -14.89 -8.65
N SER A 627 8.77 -13.83 -8.06
CA SER A 627 8.29 -12.43 -8.27
C SER A 627 9.42 -11.53 -8.73
N THR A 628 9.15 -10.69 -9.73
CA THR A 628 10.09 -9.69 -10.15
C THR A 628 10.26 -8.58 -9.12
N LEU A 629 9.30 -8.40 -8.20
CA LEU A 629 9.43 -7.42 -7.12
C LEU A 629 10.41 -7.84 -6.00
N ASN A 630 11.00 -9.05 -6.10
CA ASN A 630 12.06 -9.54 -5.17
C ASN A 630 13.46 -9.55 -5.73
N VAL A 631 13.69 -8.79 -6.80
CA VAL A 631 15.00 -8.75 -7.38
C VAL A 631 15.60 -7.50 -6.79
N HIS A 632 16.82 -7.67 -6.25
CA HIS A 632 17.47 -6.59 -5.55
C HIS A 632 18.92 -6.88 -5.14
N VAL A 633 19.54 -5.78 -4.73
CA VAL A 633 20.86 -5.75 -4.12
C VAL A 633 20.87 -6.76 -2.95
N PRO A 634 21.57 -7.91 -3.11
CA PRO A 634 21.56 -8.97 -2.08
C PRO A 634 22.11 -8.45 -0.76
N GLY A 635 21.30 -8.48 0.28
CA GLY A 635 21.49 -7.57 1.40
C GLY A 635 21.72 -8.12 2.80
N THR A 636 21.98 -9.38 2.85
CA THR A 636 22.21 -10.15 4.01
C THR A 636 23.41 -10.99 3.70
N ARG A 637 24.15 -11.29 4.70
CA ARG A 637 25.38 -12.07 4.58
C ARG A 637 25.10 -13.51 4.17
N TYR A 638 24.38 -14.21 5.01
CA TYR A 638 23.94 -15.55 4.76
C TYR A 638 22.60 -15.48 4.07
N GLU A 639 22.13 -16.59 3.58
CA GLU A 639 20.77 -16.56 3.08
C GLU A 639 20.11 -17.90 3.37
N ILE A 640 18.80 -17.89 3.53
CA ILE A 640 18.04 -19.10 3.66
C ILE A 640 17.81 -19.69 2.28
N ASP A 641 18.42 -20.86 2.02
CA ASP A 641 18.41 -21.43 0.69
C ASP A 641 17.10 -22.18 0.48
N TYR A 642 16.33 -21.72 -0.50
CA TYR A 642 14.90 -21.99 -0.52
C TYR A 642 14.65 -22.78 -1.76
N PRO A 643 13.80 -23.81 -1.65
CA PRO A 643 13.67 -24.79 -2.73
C PRO A 643 13.86 -24.31 -4.16
N PHE A 644 12.91 -23.72 -4.83
CA PHE A 644 13.15 -23.52 -6.27
C PHE A 644 13.48 -22.06 -6.55
N SER A 645 14.39 -21.49 -5.79
CA SER A 645 14.67 -20.06 -5.86
C SER A 645 16.13 -19.88 -5.52
N PRO A 646 17.02 -20.28 -6.46
CA PRO A 646 18.43 -20.25 -6.16
C PRO A 646 18.94 -18.84 -6.01
N GLY A 647 19.86 -18.69 -5.08
CA GLY A 647 20.38 -17.39 -4.77
C GLY A 647 21.76 -17.26 -5.33
N ASP A 648 22.41 -16.20 -4.85
CA ASP A 648 23.67 -15.75 -5.37
C ASP A 648 24.66 -15.61 -4.21
N ARG A 649 24.98 -16.74 -3.60
CA ARG A 649 25.86 -16.77 -2.42
C ARG A 649 26.82 -17.95 -2.43
N SER A 650 28.00 -17.75 -1.83
CA SER A 650 28.96 -18.83 -1.57
C SER A 650 28.27 -19.93 -0.79
N ARG A 651 28.66 -21.16 -1.07
CA ARG A 651 28.07 -22.34 -0.47
C ARG A 651 28.13 -22.31 1.06
N ASP A 652 29.27 -21.90 1.58
CA ASP A 652 29.46 -21.63 3.03
C ASP A 652 28.54 -20.56 3.65
N ARG A 653 27.91 -19.71 2.84
CA ARG A 653 26.94 -18.68 3.30
C ARG A 653 25.49 -19.04 3.04
N ARG A 654 25.22 -20.32 2.77
CA ARG A 654 23.87 -20.81 2.60
C ARG A 654 23.37 -21.65 3.76
N LEU A 655 22.22 -21.25 4.31
CA LEU A 655 21.52 -22.00 5.31
C LEU A 655 20.32 -22.69 4.66
N PRO A 656 20.47 -23.94 4.13
CA PRO A 656 19.32 -24.62 3.50
C PRO A 656 18.15 -24.88 4.48
N LEU A 657 16.92 -24.93 3.97
CA LEU A 657 15.75 -25.19 4.83
C LEU A 657 15.96 -26.41 5.70
N SER A 658 16.53 -27.46 5.07
CA SER A 658 17.00 -28.68 5.77
C SER A 658 17.83 -28.42 7.05
N ASP A 659 18.63 -27.36 7.08
CA ASP A 659 19.54 -27.01 8.21
C ASP A 659 18.87 -26.26 9.36
N LEU A 660 17.63 -25.79 9.22
CA LEU A 660 16.99 -24.97 10.25
C LEU A 660 16.26 -25.80 11.30
N GLU A 661 16.30 -25.35 12.52
CA GLU A 661 15.52 -25.97 13.58
C GLU A 661 14.79 -24.91 14.38
N VAL A 662 13.79 -25.34 15.12
CA VAL A 662 12.93 -24.46 15.84
C VAL A 662 13.00 -24.85 17.31
N VAL A 663 13.28 -23.85 18.13
CA VAL A 663 13.50 -24.01 19.56
C VAL A 663 12.69 -22.92 20.27
N LEU A 664 12.40 -23.11 21.57
CA LEU A 664 11.80 -22.02 22.38
C LEU A 664 12.87 -21.21 23.05
N ALA A 665 12.83 -19.91 22.85
CA ALA A 665 13.86 -19.09 23.40
C ALA A 665 13.46 -18.83 24.85
N PRO A 666 14.41 -18.94 25.81
CA PRO A 666 14.07 -18.69 27.20
C PRO A 666 13.79 -17.22 27.51
N GLU A 667 14.45 -16.28 26.84
CA GLU A 667 14.21 -14.86 27.12
C GLU A 667 12.76 -14.43 26.80
N THR A 668 12.24 -14.86 25.64
CA THR A 668 10.93 -14.41 25.17
C THR A 668 9.85 -15.44 25.25
N GLY A 669 10.21 -16.72 25.39
CA GLY A 669 9.26 -17.80 25.26
C GLY A 669 8.60 -17.90 23.90
N LEU A 670 9.23 -17.36 22.86
CA LEU A 670 8.70 -17.48 21.51
C LEU A 670 9.57 -18.46 20.74
N ALA A 671 9.01 -19.09 19.71
CA ALA A 671 9.74 -19.95 18.81
C ALA A 671 10.74 -19.11 17.98
N GLU A 672 11.95 -19.63 17.85
CA GLU A 672 13.00 -19.02 17.08
C GLU A 672 13.60 -20.05 16.15
N LEU A 673 14.44 -19.61 15.22
CA LEU A 673 15.10 -20.55 14.30
C LEU A 673 16.56 -20.62 14.67
N ARG A 674 17.16 -21.83 14.53
CA ARG A 674 18.58 -22.05 14.70
C ARG A 674 19.15 -22.78 13.48
N SER A 675 20.41 -22.53 13.16
CA SER A 675 21.13 -23.32 12.15
C SER A 675 21.65 -24.57 12.87
N ARG A 676 21.29 -25.78 12.45
CA ARG A 676 21.87 -26.99 13.08
C ARG A 676 23.35 -27.07 12.81
N ARG A 677 23.74 -26.69 11.58
CA ARG A 677 25.12 -26.76 11.17
C ARG A 677 26.02 -25.76 11.90
N LEU A 678 25.57 -24.53 12.12
CA LEU A 678 26.41 -23.49 12.71
C LEU A 678 26.09 -22.89 14.06
N GLY A 679 24.96 -23.16 14.63
CA GLY A 679 24.65 -22.60 15.91
C GLY A 679 23.90 -21.30 16.02
N PHE A 680 24.03 -20.40 15.09
CA PHE A 680 23.36 -19.14 15.18
C PHE A 680 21.85 -19.19 15.24
N ARG A 681 21.32 -18.14 15.84
CA ARG A 681 19.91 -17.86 15.75
C ARG A 681 19.84 -17.28 14.35
N VAL A 682 18.84 -17.67 13.62
CA VAL A 682 18.62 -17.23 12.24
C VAL A 682 17.30 -16.43 12.21
N ILE A 683 17.38 -15.16 11.81
CA ILE A 683 16.17 -14.33 11.68
C ILE A 683 15.89 -14.25 10.16
N PRO A 684 14.77 -14.85 9.73
CA PRO A 684 14.43 -14.76 8.35
C PRO A 684 14.02 -13.30 8.00
N LEU A 685 14.52 -12.82 6.87
CA LEU A 685 14.12 -11.52 6.29
C LEU A 685 13.49 -11.68 4.91
N HIS A 686 12.45 -10.91 4.67
CA HIS A 686 11.93 -10.68 3.34
C HIS A 686 12.24 -9.21 3.02
N LEU A 687 13.18 -8.99 2.12
CA LEU A 687 13.53 -7.65 1.73
C LEU A 687 13.09 -7.25 0.33
N GLY A 688 12.41 -8.13 -0.38
CA GLY A 688 11.84 -7.79 -1.68
C GLY A 688 10.45 -7.22 -1.48
N MET A 689 9.91 -6.63 -2.54
CA MET A 689 8.61 -5.95 -2.45
C MET A 689 7.40 -6.81 -2.79
N ALA A 690 7.59 -8.09 -3.08
CA ALA A 690 6.41 -9.00 -3.13
C ALA A 690 5.60 -8.91 -1.82
N ALA A 691 4.28 -8.92 -1.94
CA ALA A 691 3.39 -9.02 -0.79
C ALA A 691 3.53 -10.41 -0.14
N GLU A 692 3.30 -10.50 1.17
CA GLU A 692 3.51 -11.77 1.85
C GLU A 692 2.67 -12.94 1.32
N PHE A 693 1.49 -12.67 0.76
CA PHE A 693 0.64 -13.73 0.16
C PHE A 693 1.17 -14.29 -1.16
N GLN A 694 2.07 -13.55 -1.82
CA GLN A 694 2.76 -14.06 -2.99
C GLN A 694 3.95 -14.93 -2.65
N LEU A 695 4.31 -14.98 -1.36
CA LEU A 695 5.40 -15.86 -0.92
C LEU A 695 4.88 -17.28 -0.93
N PRO A 696 5.67 -18.24 -1.46
CA PRO A 696 5.28 -19.65 -1.37
C PRO A 696 5.12 -20.11 0.10
N PRO A 697 4.39 -21.22 0.33
CA PRO A 697 3.89 -21.50 1.70
C PRO A 697 4.89 -21.54 2.86
N ALA A 698 6.00 -22.23 2.69
CA ALA A 698 6.99 -22.32 3.74
C ALA A 698 7.69 -20.97 3.97
N ALA A 699 7.86 -20.21 2.91
CA ALA A 699 8.43 -18.88 3.01
C ALA A 699 7.46 -17.93 3.77
N ARG A 700 6.19 -18.05 3.49
CA ARG A 700 5.15 -17.28 4.11
C ARG A 700 5.12 -17.59 5.59
N PHE A 701 5.24 -18.85 5.93
CA PHE A 701 5.25 -19.31 7.29
C PHE A 701 6.45 -18.77 8.01
N LEU A 702 7.60 -18.85 7.39
CA LEU A 702 8.82 -18.33 8.01
C LEU A 702 8.62 -16.88 8.35
N GLU A 703 8.08 -16.10 7.42
CA GLU A 703 7.94 -14.66 7.59
C GLU A 703 6.93 -14.30 8.65
N ARG A 704 5.78 -14.95 8.55
CA ARG A 704 4.72 -14.70 9.48
C ARG A 704 5.03 -15.13 10.88
N ALA A 705 5.68 -16.29 11.01
CA ALA A 705 5.89 -16.89 12.32
C ALA A 705 7.23 -16.49 12.93
N PHE A 706 8.24 -16.23 12.08
CA PHE A 706 9.62 -15.98 12.55
C PHE A 706 10.22 -14.67 12.11
N GLY A 707 9.54 -13.92 11.26
CA GLY A 707 10.09 -12.67 10.76
C GLY A 707 9.90 -11.58 11.83
N VAL A 708 10.64 -10.50 11.70
CA VAL A 708 10.63 -9.43 12.72
C VAL A 708 10.20 -8.06 12.13
N THR A 709 9.17 -8.06 11.29
CA THR A 709 8.56 -6.89 10.72
C THR A 709 7.08 -6.96 11.13
N TYR A 710 6.28 -5.88 10.99
CA TYR A 710 4.80 -6.01 11.23
C TYR A 710 3.72 -5.77 10.12
N LEU A 711 3.95 -4.78 9.25
CA LEU A 711 2.94 -4.26 8.25
C LEU A 711 2.00 -3.17 8.80
N PRO A 728 -23.01 4.97 15.91
CA PRO A 728 -23.68 5.01 14.63
C PRO A 728 -25.04 5.65 14.67
N GLN A 729 -25.71 5.71 13.53
CA GLN A 729 -27.07 6.27 13.39
C GLN A 729 -27.20 7.77 13.04
N GLU A 730 -26.08 8.49 13.04
CA GLU A 730 -25.98 9.91 12.66
C GLU A 730 -24.54 10.24 12.28
N VAL A 731 -24.20 11.47 11.92
CA VAL A 731 -22.79 11.73 11.54
C VAL A 731 -21.91 11.81 12.78
N THR A 732 -20.92 10.91 12.88
CA THR A 732 -19.93 10.87 13.98
C THR A 732 -18.53 11.26 13.54
N ARG A 733 -17.98 12.27 14.22
CA ARG A 733 -16.64 12.79 14.02
C ARG A 733 -15.64 12.08 14.91
N TYR A 734 -14.55 11.61 14.35
CA TYR A 734 -13.45 11.08 15.16
C TYR A 734 -12.31 12.05 15.00
N PRO A 735 -11.70 12.49 16.07
CA PRO A 735 -10.61 13.42 15.84
C PRO A 735 -9.30 12.84 15.32
N ARG A 736 -8.41 13.71 14.92
CA ARG A 736 -7.13 13.34 14.47
C ARG A 736 -6.31 12.96 15.67
N VAL A 737 -5.44 11.99 15.53
CA VAL A 737 -4.58 11.57 16.59
C VAL A 737 -3.15 11.79 16.17
N GLU A 738 -2.46 12.60 16.95
CA GLU A 738 -1.04 12.89 16.79
C GLU A 738 -0.23 12.40 18.02
N VAL A 739 0.94 11.86 17.75
CA VAL A 739 1.92 11.52 18.77
C VAL A 739 3.06 12.45 18.52
N GLY A 740 3.19 13.47 19.37
CA GLY A 740 3.88 14.73 19.06
C GLY A 740 4.23 14.98 17.60
N ARG A 741 3.37 15.57 16.79
CA ARG A 741 3.81 15.78 15.34
C ARG A 741 3.76 14.63 14.33
N VAL A 742 3.73 13.37 14.78
CA VAL A 742 3.43 12.29 13.91
C VAL A 742 1.94 12.07 13.93
N VAL A 743 1.33 12.20 12.78
CA VAL A 743 -0.11 11.98 12.68
C VAL A 743 -0.30 10.50 12.45
N VAL A 744 -0.84 9.85 13.50
CA VAL A 744 -1.07 8.40 13.49
C VAL A 744 -2.49 8.06 12.98
N GLN A 745 -3.47 8.95 13.15
CA GLN A 745 -4.80 8.75 12.59
C GLN A 745 -5.36 10.08 12.18
N ARG A 746 -5.73 10.22 10.93
CA ARG A 746 -6.29 11.44 10.40
C ARG A 746 -7.70 11.61 10.86
N ARG A 747 -8.17 12.84 10.91
CA ARG A 747 -9.53 13.16 11.30
C ARG A 747 -10.50 12.50 10.34
N ARG A 748 -11.57 11.96 10.86
CA ARG A 748 -12.57 11.24 10.09
C ARG A 748 -14.01 11.58 10.46
N TRP A 749 -14.90 11.23 9.56
CA TRP A 749 -16.32 11.51 9.69
C TRP A 749 -17.09 10.34 9.17
N LEU A 750 -17.84 9.69 10.07
CA LEU A 750 -18.62 8.52 9.69
C LEU A 750 -20.08 8.89 9.47
N ALA A 751 -20.60 8.55 8.30
CA ALA A 751 -21.95 8.91 7.88
C ALA A 751 -22.66 7.63 7.47
N PRO A 752 -23.70 7.24 8.19
CA PRO A 752 -24.54 6.14 7.72
C PRO A 752 -25.26 6.47 6.44
N ALA A 753 -25.42 5.42 5.62
CA ALA A 753 -26.33 5.40 4.45
C ALA A 753 -27.38 6.51 4.46
N GLY A 754 -28.27 6.47 5.46
CA GLY A 754 -29.41 7.40 5.53
C GLY A 754 -29.16 8.90 5.70
N THR A 755 -27.96 9.31 6.16
CA THR A 755 -27.65 10.73 6.41
C THR A 755 -27.25 11.51 5.12
N LEU A 756 -26.69 10.80 4.15
CA LEU A 756 -26.04 11.42 3.02
C LEU A 756 -27.06 11.79 1.94
N PRO A 757 -27.05 13.04 1.45
CA PRO A 757 -28.03 13.46 0.45
C PRO A 757 -27.96 12.63 -0.81
N ILE A 758 -29.12 12.26 -1.33
CA ILE A 758 -29.26 11.42 -2.53
C ILE A 758 -29.85 12.29 -3.62
N ARG A 759 -29.27 12.21 -4.81
CA ARG A 759 -29.84 12.87 -5.95
C ARG A 759 -31.19 12.23 -6.07
N ALA A 760 -32.23 13.01 -5.82
CA ALA A 760 -33.57 12.61 -6.21
C ALA A 760 -33.56 12.77 -7.72
N LYS A 761 -33.74 11.67 -8.45
CA LYS A 761 -33.90 11.75 -9.90
C LYS A 761 -35.31 12.20 -10.22
N GLY A 762 -35.60 13.42 -9.79
CA GLY A 762 -36.75 14.17 -10.23
C GLY A 762 -36.12 15.36 -10.92
N GLU A 763 -35.14 15.07 -11.80
CA GLU A 763 -34.40 16.08 -12.56
C GLU A 763 -33.57 17.03 -11.68
N ASP A 764 -32.91 16.47 -10.66
CA ASP A 764 -32.00 17.23 -9.81
C ASP A 764 -30.79 17.54 -10.69
N ASP A 765 -30.06 18.64 -10.45
CA ASP A 765 -28.94 18.99 -11.36
C ASP A 765 -27.56 19.57 -10.90
N ALA A 766 -27.61 20.68 -10.13
CA ALA A 766 -26.47 21.46 -9.52
C ALA A 766 -27.00 21.78 -8.13
N SER A 767 -28.31 21.67 -8.07
CA SER A 767 -29.08 21.78 -6.89
C SER A 767 -28.62 20.65 -6.01
N TYR A 768 -28.13 19.59 -6.61
CA TYR A 768 -27.58 18.48 -5.85
C TYR A 768 -26.31 18.93 -5.10
N LEU A 769 -25.38 19.60 -5.80
CA LEU A 769 -24.14 19.98 -5.16
C LEU A 769 -24.50 20.91 -3.98
N LEU A 770 -25.49 21.74 -4.18
CA LEU A 770 -25.95 22.67 -3.14
C LEU A 770 -26.42 21.99 -1.87
N ARG A 771 -27.14 20.91 -2.04
CA ARG A 771 -27.65 20.12 -0.96
C ARG A 771 -26.51 19.32 -0.31
N LEU A 772 -25.60 18.79 -1.12
CA LEU A 772 -24.46 18.05 -0.58
C LEU A 772 -23.54 18.96 0.24
N VAL A 773 -23.23 20.12 -0.29
CA VAL A 773 -22.38 21.10 0.37
C VAL A 773 -23.05 21.63 1.62
N ALA A 774 -24.39 21.69 1.61
CA ALA A 774 -25.14 22.12 2.82
C ALA A 774 -24.96 21.07 3.93
N TRP A 775 -25.06 19.80 3.56
CA TRP A 775 -24.87 18.69 4.50
C TRP A 775 -23.41 18.61 4.98
N THR A 776 -22.44 18.68 4.08
CA THR A 776 -21.03 18.60 4.51
C THR A 776 -20.66 19.74 5.44
N ASP A 777 -20.98 20.99 5.07
CA ASP A 777 -20.72 22.15 5.93
C ASP A 777 -21.35 22.06 7.30
N ALA A 778 -22.60 21.66 7.35
CA ALA A 778 -23.32 21.42 8.63
C ALA A 778 -22.66 20.33 9.50
N ASN A 779 -21.97 19.38 8.88
CA ASN A 779 -21.29 18.37 9.65
C ASN A 779 -19.77 18.60 9.85
N GLY A 780 -19.24 19.74 9.37
CA GLY A 780 -17.82 20.06 9.45
C GLY A 780 -16.96 19.25 8.48
N ILE A 781 -17.58 18.62 7.49
CA ILE A 781 -16.82 17.84 6.54
C ILE A 781 -16.11 18.77 5.55
N PRO A 782 -14.75 18.73 5.48
CA PRO A 782 -14.08 19.68 4.61
C PRO A 782 -14.35 19.44 3.13
N THR A 783 -13.97 20.43 2.35
CA THR A 783 -14.10 20.51 0.91
C THR A 783 -13.38 19.38 0.22
N ARG A 784 -12.15 19.13 0.61
N ARG A 784 -12.17 19.11 0.63
CA ARG A 784 -11.37 18.05 0.06
CA ARG A 784 -11.40 18.03 0.10
C ARG A 784 -11.21 16.93 1.09
C ARG A 784 -11.29 16.92 1.12
N SER A 785 -11.47 15.70 0.67
CA SER A 785 -11.36 14.55 1.53
C SER A 785 -11.06 13.29 0.78
N PHE A 786 -10.75 12.22 1.50
CA PHE A 786 -10.60 10.90 0.94
C PHE A 786 -11.66 10.05 1.57
N VAL A 787 -12.50 9.50 0.70
CA VAL A 787 -13.73 8.84 1.04
C VAL A 787 -13.61 7.35 0.82
N ARG A 788 -14.05 6.59 1.81
CA ARG A 788 -14.21 5.15 1.80
C ARG A 788 -15.63 4.88 2.30
N LYS A 804 -9.81 1.16 -1.35
CA LYS A 804 -8.99 2.22 -1.97
C LYS A 804 -9.78 3.53 -1.86
N PRO A 805 -9.22 4.54 -1.22
CA PRO A 805 -10.03 5.74 -1.00
C PRO A 805 -10.16 6.59 -2.28
N LEU A 806 -11.31 7.19 -2.45
CA LEU A 806 -11.57 8.15 -3.46
C LEU A 806 -11.26 9.60 -2.99
N PHE A 807 -10.39 10.31 -3.72
CA PHE A 807 -10.24 11.76 -3.57
C PHE A 807 -11.48 12.48 -4.00
N LEU A 808 -12.08 13.21 -3.07
CA LEU A 808 -13.24 14.04 -3.31
C LEU A 808 -12.89 15.53 -3.13
N ASP A 809 -12.91 16.28 -4.24
CA ASP A 809 -12.92 17.77 -4.22
C ASP A 809 -14.36 18.19 -4.57
N LEU A 810 -15.06 18.81 -3.64
CA LEU A 810 -16.47 19.19 -3.85
C LEU A 810 -16.63 20.25 -4.95
N ALA A 811 -15.55 20.99 -5.18
CA ALA A 811 -15.51 22.00 -6.20
C ALA A 811 -15.25 21.39 -7.63
N ASN A 812 -14.83 20.13 -7.66
CA ASN A 812 -14.50 19.43 -8.90
C ASN A 812 -15.74 18.66 -9.40
N PRO A 813 -16.38 19.11 -10.50
CA PRO A 813 -17.66 18.49 -10.93
C PRO A 813 -17.55 17.00 -11.34
N PHE A 814 -16.36 16.58 -11.77
CA PHE A 814 -16.08 15.20 -12.16
C PHE A 814 -16.01 14.30 -10.94
N LEU A 815 -15.21 14.73 -9.97
CA LEU A 815 -15.03 13.95 -8.75
C LEU A 815 -16.31 13.88 -7.88
N VAL A 816 -17.10 14.95 -7.84
CA VAL A 816 -18.40 14.85 -7.19
C VAL A 816 -19.29 13.73 -7.85
N LYS A 817 -19.31 13.63 -9.18
CA LYS A 817 -20.19 12.61 -9.85
C LYS A 817 -19.64 11.25 -9.59
N VAL A 818 -18.30 11.10 -9.59
CA VAL A 818 -17.68 9.79 -9.31
C VAL A 818 -18.10 9.42 -7.92
N PHE A 819 -17.93 10.35 -6.97
CA PHE A 819 -18.44 10.16 -5.60
C PHE A 819 -19.95 9.77 -5.51
N GLU A 820 -20.84 10.51 -6.18
CA GLU A 820 -22.28 10.14 -6.25
C GLU A 820 -22.53 8.69 -6.66
N ARG A 821 -21.87 8.30 -7.72
CA ARG A 821 -22.01 6.97 -8.26
C ARG A 821 -21.41 5.87 -7.36
N GLN A 822 -20.19 6.05 -6.84
CA GLN A 822 -19.56 4.99 -6.00
C GLN A 822 -20.32 4.69 -4.71
N ILE A 823 -20.89 5.71 -4.07
CA ILE A 823 -21.57 5.57 -2.75
C ILE A 823 -23.00 5.04 -2.74
N ARG A 824 -23.60 4.78 -3.90
CA ARG A 824 -24.99 4.27 -3.84
C ARG A 824 -24.97 2.86 -3.30
N ASP A 825 -26.02 2.55 -2.54
CA ASP A 825 -26.17 1.29 -1.81
C ASP A 825 -25.04 0.99 -0.80
N CYS A 826 -24.40 2.05 -0.29
CA CYS A 826 -23.37 1.90 0.75
C CYS A 826 -23.92 2.11 2.16
N ALA A 827 -23.60 1.19 3.05
CA ALA A 827 -24.10 1.20 4.41
C ALA A 827 -23.46 2.32 5.24
N PHE A 828 -22.18 2.56 5.02
CA PHE A 828 -21.47 3.68 5.66
C PHE A 828 -20.53 4.35 4.66
N VAL A 829 -20.32 5.65 4.85
CA VAL A 829 -19.37 6.40 4.07
C VAL A 829 -18.44 7.06 5.05
N LEU A 830 -17.15 6.77 4.96
CA LEU A 830 -16.11 7.36 5.81
C LEU A 830 -15.34 8.46 5.03
N PHE A 831 -15.44 9.71 5.50
CA PHE A 831 -14.65 10.81 4.96
C PHE A 831 -13.46 10.98 5.88
N GLU A 832 -12.33 11.28 5.27
CA GLU A 832 -11.09 11.47 5.98
C GLU A 832 -10.48 12.77 5.51
N GLU A 833 -10.06 13.64 6.42
CA GLU A 833 -9.41 14.85 5.97
C GLU A 833 -8.23 14.47 5.02
N ALA A 834 -8.05 15.33 4.03
CA ALA A 834 -6.97 15.28 3.09
C ALA A 834 -5.82 15.93 3.86
N LEU A 835 -4.85 15.14 4.32
CA LEU A 835 -3.73 15.65 5.07
C LEU A 835 -2.44 14.87 4.70
N PRO A 836 -1.43 15.52 4.13
CA PRO A 836 -1.46 16.92 3.71
C PRO A 836 -2.50 17.17 2.68
N ASP A 837 -3.09 18.36 2.70
CA ASP A 837 -3.84 18.86 1.55
C ASP A 837 -2.92 19.04 0.30
N PRO A 838 -3.36 18.66 -0.91
CA PRO A 838 -2.64 18.99 -2.14
C PRO A 838 -2.16 20.44 -2.22
N ALA A 839 -2.98 21.38 -1.78
CA ALA A 839 -2.57 22.78 -1.70
C ALA A 839 -1.33 23.00 -0.81
N ASP A 840 -1.14 22.17 0.22
CA ASP A 840 0.05 22.25 1.09
C ASP A 840 1.28 21.61 0.42
N ALA A 841 1.22 21.20 -0.85
CA ALA A 841 2.42 20.58 -1.43
C ALA A 841 3.64 21.54 -1.36
N PRO A 842 4.81 21.00 -0.94
CA PRO A 842 6.08 21.73 -0.77
C PRO A 842 6.49 22.48 -2.04
N PRO A 843 6.84 23.76 -1.94
CA PRO A 843 7.17 24.58 -3.11
C PRO A 843 8.42 24.24 -3.88
N ARG A 844 8.45 24.75 -5.11
CA ARG A 844 9.52 24.50 -6.06
C ARG A 844 10.11 25.75 -6.72
N GLU A 845 11.23 25.55 -7.43
CA GLU A 845 11.91 26.58 -8.15
C GLU A 845 11.68 26.54 -9.62
N GLY A 846 11.70 27.69 -10.23
CA GLY A 846 11.64 27.86 -11.67
C GLY A 846 10.27 27.52 -12.21
N SER A 847 10.23 26.84 -13.35
CA SER A 847 8.98 26.28 -13.89
C SER A 847 8.53 24.88 -13.35
N ASP A 848 9.18 24.34 -12.31
CA ASP A 848 8.74 23.02 -11.77
C ASP A 848 7.57 23.31 -10.87
N LEU A 849 6.45 22.63 -11.10
CA LEU A 849 5.25 22.95 -10.36
C LEU A 849 5.23 22.07 -9.12
N PRO A 850 4.62 22.56 -8.03
CA PRO A 850 4.51 21.72 -6.85
C PRO A 850 3.76 20.41 -7.14
N ARG A 851 4.25 19.36 -6.48
CA ARG A 851 3.71 18.02 -6.60
C ARG A 851 3.56 17.43 -5.22
N VAL A 852 2.58 16.56 -5.08
CA VAL A 852 2.35 15.79 -3.84
C VAL A 852 3.44 14.72 -3.78
N ILE A 853 3.98 14.56 -2.56
CA ILE A 853 5.04 13.60 -2.30
C ILE A 853 4.82 12.78 -1.07
N GLU A 854 5.61 11.73 -0.99
CA GLU A 854 5.65 10.81 0.12
C GLU A 854 7.09 10.30 0.29
N PHE A 855 7.51 10.20 1.55
CA PHE A 855 8.86 9.76 1.92
C PHE A 855 8.82 8.36 2.47
N LEU A 856 9.78 7.53 2.04
CA LEU A 856 10.16 6.29 2.72
C LEU A 856 11.36 6.69 3.59
N VAL A 857 11.13 6.65 4.90
CA VAL A 857 12.16 6.91 5.86
C VAL A 857 12.43 5.62 6.61
N GLU A 858 13.67 5.13 6.52
CA GLU A 858 14.08 3.93 7.21
C GLU A 858 14.70 4.33 8.57
N LEU A 859 14.05 3.92 9.65
CA LEU A 859 14.43 4.23 11.03
C LEU A 859 14.94 2.97 11.68
N GLY A 860 16.07 3.09 12.37
CA GLY A 860 16.83 1.92 12.85
C GLY A 860 17.11 1.97 14.34
#